data_4MDH
#
_entry.id   4MDH
#
_cell.length_a   139.200
_cell.length_b   86.600
_cell.length_c   58.800
_cell.angle_alpha   90.00
_cell.angle_beta   90.00
_cell.angle_gamma   90.00
#
_symmetry.space_group_name_H-M   'P 21 21 2'
#
loop_
_entity.id
_entity.type
_entity.pdbx_description
1 polymer 'CYTOPLASMIC MALATE DEHYDROGENASE'
2 non-polymer 'SULFATE ION'
3 non-polymer NICOTINAMIDE-ADENINE-DINUCLEOTIDE
4 water water
#
_entity_poly.entity_id   1
_entity_poly.type   'polypeptide(L)'
_entity_poly.pdbx_seq_one_letter_code
;(ACE)SEPIRVLVTGAAGQIAYSLLYSIGNGSVFGKDQPIILVLLDITPMMGVLDGVLMELQDCALPLLKDVIATDKEEI
AFKDLDVAILVGSMPRRDGMERKDLLKANVKIFKCQGAALDKYAKKSVKVIVVGNPANTNCLTASKSAPSIPKENFSCLT
RLDHNRAKAQIALKLGVTSDDVKNVIIWGNHSSTQYPDVNHAKVKLQAKEVGVYEAVKDDSWLKGEFITTVQQRGAAVIK
ARKLSSAMSAAKAICDHVRDIWFGTPEGEFVSMGIISDGNSYGVPDDLLYSFPVTIKDKTWKIVEGLPINDFSREKMDLT
AKELAEEKETAFEFLSSA
;
_entity_poly.pdbx_strand_id   A,B
#
# COMPACT_ATOMS: atom_id res chain seq x y z
N SER A 2 18.28 -15.24 13.68
CA SER A 2 16.93 -15.44 13.10
C SER A 2 15.79 -15.64 14.11
N GLU A 3 15.48 -14.64 14.97
CA GLU A 3 14.37 -14.84 15.91
C GLU A 3 13.51 -13.64 16.20
N PRO A 4 12.17 -13.83 15.96
CA PRO A 4 11.09 -12.86 16.02
C PRO A 4 11.33 -11.75 16.98
N ILE A 5 10.68 -10.64 16.66
CA ILE A 5 10.68 -9.45 17.46
C ILE A 5 9.21 -9.08 17.58
N ARG A 6 8.83 -8.43 18.67
CA ARG A 6 7.48 -8.00 18.75
C ARG A 6 7.40 -6.57 18.40
N VAL A 7 6.58 -6.27 17.44
CA VAL A 7 6.38 -4.94 16.95
C VAL A 7 4.96 -4.54 17.22
N LEU A 8 4.81 -3.38 17.81
CA LEU A 8 3.49 -2.86 18.17
C LEU A 8 3.05 -1.81 17.17
N VAL A 9 1.79 -1.89 16.73
CA VAL A 9 1.35 -0.81 15.91
C VAL A 9 0.09 -0.31 16.51
N THR A 10 0.10 0.89 17.11
CA THR A 10 -1.13 1.39 17.64
C THR A 10 -1.98 2.05 16.56
N GLY A 11 -3.25 2.26 16.88
CA GLY A 11 -4.18 2.77 15.92
C GLY A 11 -4.15 1.83 14.75
N ALA A 12 -4.13 0.51 15.08
CA ALA A 12 -4.01 -0.56 14.11
C ALA A 12 -5.19 -0.74 13.21
N ALA A 13 -6.32 -0.11 13.55
CA ALA A 13 -7.59 -0.16 12.82
C ALA A 13 -7.88 1.15 12.11
N GLY A 14 -6.86 1.91 11.79
CA GLY A 14 -7.04 3.16 11.11
C GLY A 14 -6.38 3.19 9.76
N GLN A 15 -6.44 4.38 9.17
CA GLN A 15 -5.94 4.67 7.86
C GLN A 15 -4.42 4.51 7.59
N ILE A 16 -3.54 5.00 8.44
CA ILE A 16 -2.13 4.82 8.15
C ILE A 16 -1.67 3.38 8.38
N ALA A 17 -2.20 2.77 9.46
CA ALA A 17 -2.00 1.36 9.83
C ALA A 17 -2.38 0.45 8.70
N TYR A 18 -3.45 0.82 8.00
CA TYR A 18 -3.95 0.00 6.89
C TYR A 18 -2.99 -0.03 5.69
N SER A 19 -2.28 1.12 5.45
CA SER A 19 -1.28 1.22 4.43
C SER A 19 0.09 0.72 4.89
N LEU A 20 0.31 0.69 6.15
CA LEU A 20 1.59 0.28 6.62
C LEU A 20 1.79 -1.27 6.84
N LEU A 21 0.79 -1.97 7.35
CA LEU A 21 0.85 -3.39 7.77
C LEU A 21 1.34 -4.39 6.74
N TYR A 22 0.96 -4.19 5.46
CA TYR A 22 1.42 -5.06 4.39
C TYR A 22 2.91 -4.98 4.24
N SER A 23 3.49 -3.80 4.52
CA SER A 23 4.94 -3.64 4.45
C SER A 23 5.70 -4.03 5.72
N ILE A 24 5.03 -4.21 6.84
CA ILE A 24 5.83 -4.75 7.90
C ILE A 24 5.93 -6.24 7.63
N GLY A 25 4.75 -6.83 7.30
CA GLY A 25 4.59 -8.25 7.03
C GLY A 25 5.44 -8.92 5.92
N ASN A 26 5.88 -8.11 4.94
CA ASN A 26 6.65 -8.38 3.74
C ASN A 26 8.14 -8.72 3.94
N GLY A 27 8.70 -8.26 5.06
CA GLY A 27 10.13 -8.42 5.32
C GLY A 27 10.87 -7.19 4.83
N SER A 28 10.17 -6.35 4.16
CA SER A 28 10.81 -5.15 3.64
C SER A 28 11.07 -4.07 4.67
N VAL A 29 10.83 -4.29 5.95
CA VAL A 29 11.15 -3.24 6.93
C VAL A 29 12.30 -3.68 7.86
N PHE A 30 12.19 -4.94 8.31
CA PHE A 30 13.11 -5.60 9.21
C PHE A 30 13.98 -6.68 8.57
N GLY A 31 13.77 -6.92 7.27
CA GLY A 31 14.58 -7.88 6.55
C GLY A 31 13.77 -9.07 6.13
N LYS A 32 14.29 -9.80 5.15
CA LYS A 32 13.60 -10.94 4.57
C LYS A 32 13.75 -12.17 5.43
N ASP A 33 14.77 -12.16 6.23
CA ASP A 33 14.98 -13.27 7.12
C ASP A 33 14.65 -12.93 8.61
N GLN A 34 13.75 -11.97 8.81
CA GLN A 34 13.38 -11.57 10.16
C GLN A 34 11.88 -11.71 10.48
N PRO A 35 11.50 -12.68 11.33
CA PRO A 35 10.09 -12.86 11.72
C PRO A 35 9.66 -11.89 12.78
N ILE A 36 8.40 -11.53 12.64
CA ILE A 36 7.67 -10.64 13.51
C ILE A 36 6.51 -11.36 14.15
N ILE A 37 6.20 -10.87 15.34
CA ILE A 37 5.04 -11.19 16.06
C ILE A 37 4.42 -9.84 16.09
N LEU A 38 3.37 -9.69 15.28
CA LEU A 38 2.76 -8.40 15.10
C LEU A 38 1.73 -8.17 16.13
N VAL A 39 1.93 -7.15 16.94
CA VAL A 39 0.92 -6.83 17.92
C VAL A 39 0.12 -5.67 17.37
N LEU A 40 -1.19 -5.72 17.49
CA LEU A 40 -1.98 -4.63 17.02
C LEU A 40 -2.83 -4.03 18.15
N LEU A 41 -2.86 -2.69 18.25
CA LEU A 41 -3.65 -2.06 19.30
C LEU A 41 -4.62 -1.01 18.81
N ASP A 42 -5.80 -1.02 19.39
CA ASP A 42 -6.86 -0.08 19.12
C ASP A 42 -7.84 0.05 20.30
N ILE A 43 -8.93 0.74 20.07
CA ILE A 43 -9.90 0.91 21.08
C ILE A 43 -10.95 -0.18 20.95
N THR A 44 -11.48 -0.56 22.08
CA THR A 44 -12.44 -1.61 22.22
C THR A 44 -13.44 -1.75 21.09
N PRO A 45 -14.10 -0.65 20.73
CA PRO A 45 -15.03 -0.62 19.63
C PRO A 45 -14.42 -0.85 18.25
N MET A 46 -13.11 -1.09 18.13
CA MET A 46 -12.49 -1.28 16.83
C MET A 46 -11.98 -2.68 16.58
N MET A 47 -12.28 -3.56 17.49
CA MET A 47 -11.83 -4.95 17.50
C MET A 47 -12.38 -5.84 16.40
N GLY A 48 -13.58 -5.51 15.94
CA GLY A 48 -14.21 -6.22 14.85
C GLY A 48 -13.58 -5.89 13.51
N VAL A 49 -13.10 -4.63 13.40
CA VAL A 49 -12.37 -4.08 12.26
C VAL A 49 -11.08 -4.86 12.14
N LEU A 50 -10.25 -4.91 13.23
CA LEU A 50 -8.99 -5.64 13.31
C LEU A 50 -9.12 -7.11 12.90
N ASP A 51 -10.20 -7.73 13.32
CA ASP A 51 -10.48 -9.11 13.05
C ASP A 51 -10.49 -9.17 11.57
N GLY A 52 -11.06 -8.13 11.01
CA GLY A 52 -11.19 -8.02 9.58
C GLY A 52 -9.86 -7.92 8.93
N VAL A 53 -9.03 -7.04 9.46
CA VAL A 53 -7.67 -6.86 8.99
C VAL A 53 -6.80 -8.12 9.20
N LEU A 54 -7.11 -8.92 10.21
CA LEU A 54 -6.38 -10.15 10.47
C LEU A 54 -6.71 -11.12 9.35
N MET A 55 -7.91 -11.00 8.87
CA MET A 55 -8.42 -11.82 7.80
C MET A 55 -7.71 -11.59 6.49
N GLU A 56 -7.46 -10.31 6.17
CA GLU A 56 -6.74 -9.92 4.97
C GLU A 56 -5.28 -10.23 5.07
N LEU A 57 -4.75 -10.26 6.27
CA LEU A 57 -3.35 -10.53 6.50
C LEU A 57 -3.01 -11.97 6.12
N GLN A 58 -3.99 -12.90 6.32
CA GLN A 58 -3.92 -14.35 5.98
C GLN A 58 -3.95 -14.56 4.48
N ASP A 59 -4.79 -13.74 3.85
CA ASP A 59 -5.02 -13.78 2.43
C ASP A 59 -3.85 -13.21 1.62
N CYS A 60 -2.99 -12.48 2.36
CA CYS A 60 -1.83 -11.80 1.85
C CYS A 60 -0.56 -12.61 1.90
N ALA A 61 -0.67 -13.88 2.30
CA ALA A 61 0.45 -14.80 2.39
C ALA A 61 1.71 -14.13 2.95
N LEU A 62 1.75 -13.94 4.28
CA LEU A 62 2.88 -13.29 4.92
C LEU A 62 3.51 -14.19 6.02
N PRO A 63 4.40 -15.05 5.60
CA PRO A 63 4.98 -16.00 6.47
C PRO A 63 5.83 -15.37 7.56
N LEU A 64 6.27 -14.16 7.37
CA LEU A 64 7.12 -13.59 8.40
C LEU A 64 6.35 -13.41 9.71
N LEU A 65 5.01 -13.26 9.57
CA LEU A 65 4.12 -13.07 10.71
C LEU A 65 3.91 -14.31 11.58
N LYS A 66 4.83 -14.59 12.48
CA LYS A 66 4.61 -15.75 13.36
C LYS A 66 3.29 -15.66 14.15
N ASP A 67 2.75 -14.45 14.26
CA ASP A 67 1.60 -14.26 15.08
C ASP A 67 1.10 -12.87 14.92
N VAL A 68 -0.26 -12.74 15.02
CA VAL A 68 -0.97 -11.51 14.95
C VAL A 68 -1.95 -11.36 16.08
N ILE A 69 -1.57 -10.47 17.02
CA ILE A 69 -2.28 -10.16 18.25
C ILE A 69 -3.06 -8.86 18.17
N ALA A 70 -4.37 -8.92 18.26
CA ALA A 70 -5.15 -7.70 18.26
C ALA A 70 -5.59 -7.43 19.70
N THR A 71 -5.39 -6.25 20.25
CA THR A 71 -5.86 -6.08 21.61
C THR A 71 -6.30 -4.66 21.96
N ASP A 72 -7.07 -4.56 23.04
CA ASP A 72 -7.46 -3.30 23.61
C ASP A 72 -6.90 -3.15 25.04
N LYS A 73 -6.24 -4.20 25.48
CA LYS A 73 -5.57 -4.21 26.80
C LYS A 73 -4.15 -3.74 26.61
N GLU A 74 -3.60 -2.89 27.44
CA GLU A 74 -2.21 -2.62 27.12
C GLU A 74 -1.25 -3.30 28.10
N GLU A 75 -1.77 -4.15 28.98
CA GLU A 75 -0.86 -5.06 29.68
C GLU A 75 -0.51 -6.13 28.66
N ILE A 76 -1.24 -6.05 27.54
CA ILE A 76 -1.07 -6.99 26.43
C ILE A 76 -0.22 -6.40 25.31
N ALA A 77 -0.65 -5.23 24.82
CA ALA A 77 -0.05 -4.54 23.69
C ALA A 77 1.36 -4.04 23.85
N PHE A 78 1.77 -3.74 25.08
CA PHE A 78 3.06 -3.12 25.37
C PHE A 78 4.10 -4.06 25.93
N LYS A 79 3.61 -5.20 26.33
CA LYS A 79 4.37 -6.26 26.90
C LYS A 79 5.48 -6.75 25.96
N ASP A 80 6.69 -6.79 26.48
CA ASP A 80 7.91 -7.28 25.81
C ASP A 80 8.31 -6.72 24.47
N LEU A 81 7.96 -5.49 24.18
CA LEU A 81 8.25 -4.94 22.88
C LEU A 81 9.71 -4.71 22.54
N ASP A 82 9.98 -4.76 21.26
CA ASP A 82 11.26 -4.48 20.66
C ASP A 82 11.20 -3.18 19.85
N VAL A 83 10.05 -2.97 19.28
CA VAL A 83 9.77 -1.82 18.50
C VAL A 83 8.35 -1.44 18.82
N ALA A 84 8.08 -0.17 19.00
CA ALA A 84 6.72 0.31 19.18
C ALA A 84 6.43 1.40 18.17
N ILE A 85 5.37 1.29 17.45
CA ILE A 85 5.08 2.31 16.45
C ILE A 85 3.74 2.98 16.84
N LEU A 86 3.82 4.25 17.30
CA LEU A 86 2.65 4.91 17.85
C LEU A 86 1.87 5.86 16.94
N VAL A 87 1.02 5.29 16.13
CA VAL A 87 0.19 6.05 15.25
C VAL A 87 -1.08 6.53 15.92
N GLY A 88 -1.66 5.67 16.73
CA GLY A 88 -2.96 5.85 17.31
C GLY A 88 -3.19 7.19 17.94
N SER A 89 -4.23 7.89 17.42
CA SER A 89 -4.65 9.21 17.85
C SER A 89 -5.63 9.88 16.89
N MET A 90 -5.99 11.13 17.24
CA MET A 90 -6.85 11.95 16.38
C MET A 90 -6.06 12.55 15.25
N PRO A 91 -6.62 12.46 14.03
CA PRO A 91 -6.00 13.07 12.88
C PRO A 91 -6.54 14.48 12.71
N ARG A 92 -5.73 15.35 12.07
CA ARG A 92 -6.08 16.74 11.79
C ARG A 92 -7.17 16.79 10.76
N ARG A 93 -8.12 17.66 10.87
CA ARG A 93 -9.19 17.78 9.87
C ARG A 93 -9.34 19.25 9.57
N ASP A 94 -9.89 19.59 8.43
CA ASP A 94 -9.90 20.99 8.09
C ASP A 94 -10.61 21.76 9.21
N GLY A 95 -10.03 22.93 9.35
CA GLY A 95 -10.13 23.74 10.54
C GLY A 95 -8.96 23.10 11.24
N MET A 96 -8.01 22.93 10.34
CA MET A 96 -6.66 22.54 10.53
C MET A 96 -5.95 23.76 10.08
N GLU A 97 -6.81 24.63 9.55
CA GLU A 97 -6.46 25.91 9.02
C GLU A 97 -7.38 26.92 9.64
N ARG A 98 -7.43 26.81 10.95
CA ARG A 98 -8.20 27.67 11.82
C ARG A 98 -7.42 27.74 13.14
N LYS A 99 -7.31 26.53 13.75
CA LYS A 99 -6.59 26.25 15.00
C LYS A 99 -6.35 24.73 15.14
N ASP A 100 -5.12 24.43 15.54
CA ASP A 100 -4.50 23.14 15.67
C ASP A 100 -4.01 22.91 17.08
N LEU A 101 -4.93 22.91 18.02
CA LEU A 101 -4.53 22.60 19.36
C LEU A 101 -5.16 21.25 19.75
N LEU A 102 -4.94 20.37 18.75
CA LEU A 102 -5.21 18.96 18.86
C LEU A 102 -4.25 18.61 20.08
N LYS A 103 -4.87 18.79 21.32
CA LYS A 103 -4.46 18.60 22.76
C LYS A 103 -5.25 17.37 23.19
N ALA A 104 -6.11 17.00 22.26
CA ALA A 104 -6.99 15.88 22.31
C ALA A 104 -6.12 14.69 22.58
N ASN A 105 -4.94 14.79 21.95
CA ASN A 105 -3.90 13.80 21.77
C ASN A 105 -2.87 13.60 22.90
N VAL A 106 -2.48 14.66 23.56
CA VAL A 106 -1.43 14.56 24.51
C VAL A 106 -1.64 13.54 25.65
N LYS A 107 -2.85 13.37 26.16
CA LYS A 107 -3.02 12.35 27.18
C LYS A 107 -2.69 10.92 26.76
N ILE A 108 -2.81 10.60 25.49
CA ILE A 108 -2.60 9.26 24.98
C ILE A 108 -1.15 8.95 24.95
N PHE A 109 -0.30 9.94 24.74
CA PHE A 109 1.13 9.66 24.79
C PHE A 109 1.74 9.51 26.18
N LYS A 110 1.31 10.41 27.04
CA LYS A 110 1.68 10.34 28.39
C LYS A 110 1.40 8.96 28.93
N CYS A 111 0.10 8.49 28.77
CA CYS A 111 -0.39 7.17 29.27
C CYS A 111 0.34 6.04 28.60
N GLN A 112 0.61 6.16 27.28
CA GLN A 112 1.34 5.12 26.56
C GLN A 112 2.83 4.98 26.93
N GLY A 113 3.43 6.07 27.42
CA GLY A 113 4.78 6.07 27.92
C GLY A 113 4.92 5.31 29.25
N ALA A 114 3.97 5.50 30.15
CA ALA A 114 4.02 4.80 31.39
C ALA A 114 3.90 3.31 31.15
N ALA A 115 3.02 2.98 30.15
CA ALA A 115 2.76 1.59 29.75
C ALA A 115 4.03 0.93 29.21
N LEU A 116 4.77 1.72 28.44
CA LEU A 116 6.03 1.34 27.85
C LEU A 116 7.04 1.13 28.95
N ASP A 117 6.94 2.01 29.95
CA ASP A 117 7.79 1.94 31.11
C ASP A 117 7.56 0.64 31.88
N LYS A 118 6.30 0.35 32.17
CA LYS A 118 5.86 -0.84 32.87
C LYS A 118 6.15 -2.13 32.15
N TYR A 119 5.76 -2.21 30.87
CA TYR A 119 5.75 -3.47 30.15
C TYR A 119 6.73 -3.81 29.04
N ALA A 120 7.23 -2.82 28.28
CA ALA A 120 8.11 -3.07 27.12
C ALA A 120 9.58 -3.32 27.46
N LYS A 121 10.31 -3.96 26.57
CA LYS A 121 11.72 -4.13 26.89
C LYS A 121 12.35 -2.77 27.02
N LYS A 122 13.15 -2.56 28.04
CA LYS A 122 13.79 -1.29 28.23
C LYS A 122 14.66 -0.90 27.05
N SER A 123 14.79 -1.82 26.08
CA SER A 123 15.55 -1.59 24.87
C SER A 123 14.62 -1.17 23.73
N VAL A 124 13.33 -1.20 23.97
CA VAL A 124 12.36 -0.79 22.99
C VAL A 124 12.74 0.48 22.28
N LYS A 125 12.51 0.51 21.00
CA LYS A 125 12.76 1.68 20.18
C LYS A 125 11.44 2.20 19.76
N VAL A 126 11.05 3.35 20.37
CA VAL A 126 9.76 3.98 20.18
C VAL A 126 9.73 4.93 19.02
N ILE A 127 8.77 4.72 18.05
CA ILE A 127 8.54 5.56 16.83
C ILE A 127 7.15 6.17 16.90
N VAL A 128 7.14 7.51 17.07
CA VAL A 128 5.97 8.27 17.31
C VAL A 128 5.54 8.94 16.05
N VAL A 129 4.28 8.73 15.64
CA VAL A 129 3.67 9.24 14.42
C VAL A 129 2.48 10.16 14.69
N GLY A 130 1.63 9.81 15.66
CA GLY A 130 0.47 10.60 16.02
C GLY A 130 0.86 12.06 16.28
N ASN A 131 0.18 12.93 15.57
CA ASN A 131 0.46 14.34 15.53
C ASN A 131 -0.18 15.10 16.69
N PRO A 132 0.45 16.18 17.23
CA PRO A 132 1.76 16.72 16.80
C PRO A 132 2.98 15.85 17.14
N ALA A 133 3.69 15.41 16.11
CA ALA A 133 4.74 14.43 16.25
C ALA A 133 5.72 14.62 17.35
N ASN A 134 6.38 15.77 17.28
CA ASN A 134 7.36 16.17 18.25
C ASN A 134 6.82 16.17 19.67
N THR A 135 5.88 17.06 19.94
CA THR A 135 5.39 17.18 21.29
C THR A 135 4.79 15.91 21.86
N ASN A 136 4.11 15.09 21.04
CA ASN A 136 3.65 13.84 21.60
C ASN A 136 4.85 13.00 22.05
N CYS A 137 5.94 13.00 21.24
CA CYS A 137 7.13 12.22 21.53
C CYS A 137 7.82 12.63 22.85
N LEU A 138 7.80 13.91 23.14
CA LEU A 138 8.38 14.42 24.36
C LEU A 138 7.51 13.94 25.54
N THR A 139 6.19 14.09 25.41
CA THR A 139 5.33 13.64 26.48
C THR A 139 5.54 12.17 26.75
N ALA A 140 5.78 11.38 25.73
CA ALA A 140 5.88 9.96 25.99
C ALA A 140 7.16 9.61 26.70
N SER A 141 8.29 10.20 26.28
CA SER A 141 9.59 9.85 26.85
C SER A 141 9.70 10.23 28.31
N LYS A 142 9.11 11.37 28.60
CA LYS A 142 9.08 11.96 29.91
C LYS A 142 8.47 11.06 31.02
N SER A 143 7.45 10.31 30.63
CA SER A 143 6.72 9.31 31.42
C SER A 143 7.38 7.94 31.39
N ALA A 144 8.51 7.82 30.73
CA ALA A 144 9.17 6.57 30.60
C ALA A 144 10.62 6.65 31.02
N PRO A 145 10.88 6.97 32.29
CA PRO A 145 12.23 7.15 32.81
C PRO A 145 13.19 5.99 32.61
N SER A 146 12.71 4.79 32.82
CA SER A 146 13.53 3.63 32.67
C SER A 146 13.95 3.38 31.22
N ILE A 147 13.23 3.96 30.26
CA ILE A 147 13.62 3.80 28.87
C ILE A 147 14.48 4.96 28.43
N PRO A 148 15.66 4.64 27.93
CA PRO A 148 16.60 5.67 27.54
C PRO A 148 16.01 6.66 26.55
N LYS A 149 15.97 7.93 26.96
CA LYS A 149 15.41 8.96 26.08
C LYS A 149 15.92 8.91 24.65
N GLU A 150 17.09 8.30 24.48
CA GLU A 150 17.69 8.18 23.18
C GLU A 150 16.86 7.27 22.31
N ASN A 151 16.12 6.36 22.97
CA ASN A 151 15.26 5.41 22.27
C ASN A 151 14.01 6.00 21.59
N PHE A 152 13.70 7.25 21.85
CA PHE A 152 12.57 7.86 21.25
C PHE A 152 12.95 8.80 20.08
N SER A 153 12.14 8.73 19.01
CA SER A 153 12.26 9.55 17.85
C SER A 153 10.89 9.72 17.25
N CYS A 154 10.62 10.85 16.65
CA CYS A 154 9.32 11.08 16.05
C CYS A 154 9.46 11.17 14.55
N LEU A 155 8.35 11.14 13.87
CA LEU A 155 8.43 11.10 12.43
C LEU A 155 8.52 12.44 11.66
N THR A 156 9.63 12.65 10.97
CA THR A 156 9.74 13.78 10.06
C THR A 156 10.26 13.34 8.71
N ARG A 157 10.16 12.06 8.42
CA ARG A 157 10.68 11.53 7.17
C ARG A 157 9.73 11.70 6.00
N LEU A 158 8.45 11.97 6.29
CA LEU A 158 7.44 12.30 5.28
C LEU A 158 7.74 13.66 4.71
N ASP A 159 8.33 14.47 5.58
CA ASP A 159 8.74 15.82 5.28
C ASP A 159 10.01 15.75 4.47
N HIS A 160 10.93 14.90 4.92
CA HIS A 160 12.20 14.77 4.30
C HIS A 160 12.01 14.39 2.87
N ASN A 161 11.19 13.39 2.65
CA ASN A 161 10.87 12.90 1.32
C ASN A 161 10.02 13.87 0.56
N ARG A 162 9.31 14.73 1.27
CA ARG A 162 8.53 15.71 0.59
C ARG A 162 9.44 16.65 -0.21
N ALA A 163 10.45 17.19 0.47
CA ALA A 163 11.49 18.09 -0.05
C ALA A 163 12.33 17.47 -1.16
N LYS A 164 12.79 16.26 -0.95
CA LYS A 164 13.51 15.50 -1.99
C LYS A 164 12.69 15.52 -3.28
N ALA A 165 11.37 15.34 -3.08
CA ALA A 165 10.36 15.22 -4.08
C ALA A 165 10.17 16.49 -4.87
N GLN A 166 10.31 17.61 -4.15
CA GLN A 166 10.21 18.96 -4.70
C GLN A 166 11.43 19.30 -5.47
N ILE A 167 12.57 18.77 -5.06
CA ILE A 167 13.81 18.96 -5.78
C ILE A 167 13.74 18.22 -7.10
N ALA A 168 13.40 16.93 -7.04
CA ALA A 168 13.27 16.08 -8.23
C ALA A 168 12.39 16.63 -9.34
N LEU A 169 11.17 17.05 -9.02
CA LEU A 169 10.25 17.56 -10.04
C LEU A 169 10.92 18.69 -10.78
N LYS A 170 11.55 19.52 -9.99
CA LYS A 170 12.20 20.77 -10.35
C LYS A 170 13.36 20.57 -11.31
N LEU A 171 14.24 19.64 -10.92
CA LEU A 171 15.44 19.38 -11.68
C LEU A 171 15.16 18.39 -12.74
N GLY A 172 14.11 17.62 -12.52
CA GLY A 172 13.72 16.55 -13.43
C GLY A 172 14.57 15.27 -13.28
N VAL A 173 15.17 15.06 -12.11
CA VAL A 173 15.96 13.87 -11.86
C VAL A 173 15.02 12.86 -11.29
N THR A 174 15.54 11.92 -10.48
CA THR A 174 14.74 10.99 -9.70
C THR A 174 15.02 11.22 -8.22
N SER A 175 14.05 10.88 -7.37
CA SER A 175 14.22 10.95 -5.92
C SER A 175 15.57 10.42 -5.45
N ASP A 176 15.91 9.25 -5.95
CA ASP A 176 17.15 8.64 -5.59
C ASP A 176 18.30 9.59 -5.89
N ASP A 177 18.09 10.48 -6.86
CA ASP A 177 19.15 11.41 -7.23
C ASP A 177 19.36 12.59 -6.27
N VAL A 178 18.48 12.76 -5.27
CA VAL A 178 18.64 13.85 -4.29
C VAL A 178 19.18 13.32 -3.00
N LYS A 179 20.17 13.98 -2.44
CA LYS A 179 20.78 13.49 -1.23
C LYS A 179 20.97 14.53 -0.14
N ASN A 180 21.22 14.03 1.05
CA ASN A 180 21.55 14.84 2.18
C ASN A 180 20.70 16.08 2.42
N VAL A 181 19.39 15.89 2.36
CA VAL A 181 18.42 16.93 2.67
C VAL A 181 18.31 16.98 4.20
N ILE A 182 17.87 18.08 4.78
CA ILE A 182 17.73 18.14 6.21
C ILE A 182 16.38 18.76 6.60
N ILE A 183 15.58 18.08 7.40
CA ILE A 183 14.42 18.79 7.85
C ILE A 183 14.70 19.20 9.29
N TRP A 184 14.65 20.52 9.54
CA TRP A 184 14.91 21.06 10.89
C TRP A 184 13.65 21.50 11.64
N GLY A 185 13.71 21.38 12.96
CA GLY A 185 12.64 21.82 13.80
C GLY A 185 11.42 20.89 13.96
N ASN A 186 10.27 21.56 13.93
CA ASN A 186 8.95 21.04 14.16
C ASN A 186 8.35 20.41 12.94
N HIS A 187 7.61 19.32 13.12
CA HIS A 187 6.86 18.74 12.03
C HIS A 187 5.70 19.69 11.88
N SER A 188 6.02 20.82 11.32
CA SER A 188 5.08 21.91 11.27
C SER A 188 5.30 22.73 10.04
N SER A 189 4.42 23.66 9.85
CA SER A 189 4.60 24.65 8.84
C SER A 189 5.81 25.51 9.23
N THR A 190 6.36 25.28 10.43
CA THR A 190 7.55 26.03 10.72
C THR A 190 8.82 25.22 10.52
N GLN A 191 8.68 24.03 9.93
CA GLN A 191 9.86 23.24 9.71
C GLN A 191 10.71 23.94 8.67
N TYR A 192 11.97 23.56 8.60
CA TYR A 192 12.89 24.15 7.66
C TYR A 192 13.48 23.11 6.66
N PRO A 193 12.99 23.08 5.40
CA PRO A 193 13.58 22.17 4.44
C PRO A 193 14.90 22.73 3.95
N ASP A 194 16.01 22.30 4.56
CA ASP A 194 17.33 22.82 4.27
C ASP A 194 18.12 22.13 3.17
N VAL A 195 18.52 22.89 2.17
CA VAL A 195 19.28 22.32 1.07
C VAL A 195 20.73 22.85 0.90
N ASN A 196 21.29 23.55 1.90
CA ASN A 196 22.68 24.06 1.75
C ASN A 196 23.79 23.00 1.76
N HIS A 197 23.41 21.79 2.15
CA HIS A 197 24.32 20.68 2.31
C HIS A 197 23.90 19.51 1.45
N ALA A 198 22.83 19.70 0.68
CA ALA A 198 22.35 18.65 -0.23
C ALA A 198 23.17 18.53 -1.53
N LYS A 199 23.06 17.38 -2.17
CA LYS A 199 23.78 17.20 -3.42
C LYS A 199 22.89 16.54 -4.45
N VAL A 200 22.92 17.04 -5.68
CA VAL A 200 22.18 16.38 -6.73
C VAL A 200 23.10 15.71 -7.74
N LYS A 201 22.62 14.62 -8.32
CA LYS A 201 23.36 13.85 -9.32
C LYS A 201 22.82 14.17 -10.69
N LEU A 202 23.60 14.93 -11.45
CA LEU A 202 23.22 15.32 -12.80
C LEU A 202 24.03 14.43 -13.78
N GLN A 203 23.73 14.36 -15.06
CA GLN A 203 24.57 13.50 -15.87
C GLN A 203 26.03 13.86 -15.89
N ALA A 204 26.32 15.14 -15.68
CA ALA A 204 27.66 15.61 -15.74
C ALA A 204 28.41 15.53 -14.40
N LYS A 205 27.68 15.65 -13.31
CA LYS A 205 28.27 15.56 -11.98
C LYS A 205 27.26 15.90 -10.88
N GLU A 206 27.70 15.50 -9.67
CA GLU A 206 26.98 15.72 -8.47
C GLU A 206 27.23 17.14 -8.03
N VAL A 207 26.17 17.84 -7.77
CA VAL A 207 26.33 19.25 -7.49
C VAL A 207 25.46 19.68 -6.36
N GLY A 208 25.69 20.88 -5.95
CA GLY A 208 24.90 21.38 -4.90
C GLY A 208 23.58 21.59 -5.54
N VAL A 209 22.51 21.54 -4.72
CA VAL A 209 21.16 21.79 -5.13
C VAL A 209 21.10 23.25 -5.60
N TYR A 210 21.62 24.14 -4.77
CA TYR A 210 21.63 25.56 -5.06
C TYR A 210 22.18 25.90 -6.40
N GLU A 211 23.19 25.10 -6.74
CA GLU A 211 23.94 25.21 -7.95
C GLU A 211 23.25 24.60 -9.14
N ALA A 212 22.65 23.42 -8.93
CA ALA A 212 21.88 22.78 -10.01
C ALA A 212 20.63 23.58 -10.36
N VAL A 213 19.89 23.95 -9.33
CA VAL A 213 18.70 24.73 -9.47
C VAL A 213 18.97 26.07 -10.15
N LYS A 214 19.86 26.89 -9.60
CA LYS A 214 20.11 28.17 -10.21
C LYS A 214 18.94 29.17 -10.07
N ASP A 215 18.25 29.10 -8.92
CA ASP A 215 17.11 29.95 -8.57
C ASP A 215 16.97 30.16 -7.08
N ASP A 216 17.90 30.87 -6.38
CA ASP A 216 17.83 30.99 -4.89
C ASP A 216 16.52 31.38 -4.27
N SER A 217 15.81 32.28 -4.93
CA SER A 217 14.53 32.77 -4.49
C SER A 217 13.52 31.63 -4.38
N TRP A 218 13.61 30.70 -5.30
CA TRP A 218 12.74 29.55 -5.32
C TRP A 218 12.93 28.75 -4.07
N LEU A 219 14.19 28.41 -3.81
CA LEU A 219 14.64 27.61 -2.67
C LEU A 219 14.51 28.32 -1.31
N LYS A 220 14.66 29.65 -1.31
CA LYS A 220 14.52 30.42 -0.08
C LYS A 220 13.06 30.82 0.18
N GLY A 221 12.25 30.73 -0.88
CA GLY A 221 10.84 31.12 -0.83
C GLY A 221 9.83 30.01 -1.13
N GLU A 222 9.38 29.92 -2.39
CA GLU A 222 8.36 28.96 -2.79
C GLU A 222 8.77 27.49 -2.68
N PHE A 223 10.06 27.21 -2.64
CA PHE A 223 10.40 25.84 -2.35
C PHE A 223 10.01 25.58 -0.93
N ILE A 224 10.48 26.44 -0.04
CA ILE A 224 10.19 26.39 1.38
C ILE A 224 8.71 26.23 1.67
N THR A 225 7.90 27.27 1.33
CA THR A 225 6.42 27.36 1.53
C THR A 225 5.60 26.09 1.23
N THR A 226 5.91 25.47 0.10
CA THR A 226 5.29 24.25 -0.41
C THR A 226 5.59 23.08 0.47
N VAL A 227 6.85 22.84 0.75
CA VAL A 227 7.11 21.71 1.62
C VAL A 227 6.47 21.91 3.00
N GLN A 228 6.34 23.14 3.49
CA GLN A 228 5.74 23.29 4.80
C GLN A 228 4.20 23.29 4.81
N GLN A 229 3.57 23.48 3.65
CA GLN A 229 2.13 23.45 3.62
C GLN A 229 1.62 22.16 2.97
N ARG A 230 2.51 21.27 2.62
CA ARG A 230 2.14 20.04 1.97
C ARG A 230 1.05 19.23 2.68
N GLY A 231 1.33 18.84 3.90
CA GLY A 231 0.42 18.08 4.70
C GLY A 231 -0.99 18.60 4.67
N ALA A 232 -1.12 19.92 4.76
CA ALA A 232 -2.43 20.59 4.74
C ALA A 232 -3.09 20.65 3.39
N ALA A 233 -2.27 20.58 2.35
CA ALA A 233 -2.69 20.59 0.98
C ALA A 233 -3.29 19.24 0.56
N VAL A 234 -2.84 18.15 1.19
CA VAL A 234 -3.32 16.82 0.91
C VAL A 234 -4.71 16.63 1.53
N ILE A 235 -4.90 17.20 2.73
CA ILE A 235 -6.13 17.10 3.50
C ILE A 235 -7.28 17.83 2.86
N LYS A 236 -6.92 18.87 2.13
CA LYS A 236 -7.85 19.74 1.41
C LYS A 236 -8.37 19.05 0.16
N ALA A 237 -7.50 18.22 -0.38
CA ALA A 237 -7.68 17.39 -1.55
C ALA A 237 -8.57 16.17 -1.27
N ARG A 238 -8.01 15.25 -0.51
CA ARG A 238 -8.56 13.97 -0.15
C ARG A 238 -9.54 14.03 1.02
N LYS A 239 -9.60 15.15 1.69
CA LYS A 239 -10.48 15.27 2.87
C LYS A 239 -10.04 14.34 4.01
N LEU A 240 -8.86 13.78 3.84
CA LEU A 240 -8.18 12.90 4.79
C LEU A 240 -6.75 13.37 4.77
N SER A 241 -6.00 13.03 5.83
CA SER A 241 -4.56 13.37 5.86
C SER A 241 -3.74 12.18 5.38
N SER A 242 -2.45 12.43 5.11
CA SER A 242 -1.43 11.47 4.68
C SER A 242 -1.66 10.08 5.22
N ALA A 243 -1.57 9.10 4.34
CA ALA A 243 -1.70 7.73 4.71
C ALA A 243 -0.70 6.93 3.92
N MET A 244 -0.92 6.84 2.62
CA MET A 244 0.02 6.22 1.69
C MET A 244 1.44 6.71 1.91
N SER A 245 1.60 8.01 1.78
CA SER A 245 2.89 8.64 1.94
C SER A 245 3.45 8.55 3.38
N ALA A 246 2.60 8.78 4.37
CA ALA A 246 3.04 8.65 5.74
C ALA A 246 3.45 7.21 6.08
N ALA A 247 2.70 6.24 5.58
CA ALA A 247 3.07 4.86 5.84
C ALA A 247 4.47 4.53 5.28
N LYS A 248 4.67 4.92 4.06
CA LYS A 248 5.88 4.74 3.28
C LYS A 248 7.10 5.28 4.02
N ALA A 249 6.88 6.39 4.75
CA ALA A 249 7.89 7.14 5.48
C ALA A 249 8.24 6.53 6.84
N ILE A 250 7.26 5.91 7.48
CA ILE A 250 7.50 5.17 8.72
C ILE A 250 8.45 4.05 8.36
N CYS A 251 8.16 3.34 7.27
CA CYS A 251 9.03 2.29 6.77
C CYS A 251 10.45 2.76 6.65
N ASP A 252 10.62 3.89 5.97
CA ASP A 252 11.95 4.45 5.77
C ASP A 252 12.68 4.69 7.07
N HIS A 253 11.97 5.41 7.96
CA HIS A 253 12.44 5.81 9.26
C HIS A 253 12.95 4.60 10.04
N VAL A 254 12.06 3.61 10.16
CA VAL A 254 12.30 2.38 10.84
C VAL A 254 13.41 1.63 10.18
N ARG A 255 13.48 1.61 8.86
CA ARG A 255 14.54 0.89 8.14
C ARG A 255 15.94 1.44 8.36
N ASP A 256 16.05 2.79 8.43
CA ASP A 256 17.37 3.36 8.62
C ASP A 256 17.89 2.99 9.96
N ILE A 257 16.97 2.92 10.91
CA ILE A 257 17.30 2.52 12.26
C ILE A 257 17.80 1.10 12.29
N TRP A 258 17.04 0.19 11.78
CA TRP A 258 17.41 -1.21 11.75
C TRP A 258 18.73 -1.60 11.02
N PHE A 259 18.97 -1.02 9.82
CA PHE A 259 20.15 -1.33 9.00
C PHE A 259 21.15 -0.20 8.82
N GLY A 260 20.90 0.96 9.46
CA GLY A 260 21.76 2.11 9.35
C GLY A 260 21.50 2.90 8.08
N THR A 261 21.96 4.17 8.03
CA THR A 261 21.80 4.97 6.85
C THR A 261 22.95 4.62 5.95
N PRO A 262 22.78 4.79 4.66
CA PRO A 262 23.86 4.47 3.77
C PRO A 262 24.91 5.51 3.95
N GLU A 263 26.13 5.17 3.60
CA GLU A 263 27.21 6.07 3.83
C GLU A 263 27.19 7.29 2.90
N GLY A 264 27.66 8.42 3.49
CA GLY A 264 27.66 9.77 2.87
C GLY A 264 26.29 10.43 2.96
N GLU A 265 25.29 9.60 3.36
CA GLU A 265 23.88 9.95 3.50
C GLU A 265 23.47 10.06 4.98
N PHE A 266 22.69 11.09 5.28
CA PHE A 266 22.15 11.35 6.57
C PHE A 266 20.69 11.65 6.39
N VAL A 267 19.86 11.25 7.35
CA VAL A 267 18.42 11.44 7.23
C VAL A 267 17.93 12.32 8.33
N SER A 268 16.72 12.79 8.19
CA SER A 268 16.08 13.57 9.22
C SER A 268 15.30 12.67 10.15
N MET A 269 15.46 12.98 11.42
CA MET A 269 14.82 12.27 12.45
C MET A 269 14.68 13.18 13.64
N GLY A 270 13.53 13.08 14.34
CA GLY A 270 13.24 13.90 15.50
C GLY A 270 13.66 13.13 16.72
N ILE A 271 14.75 13.57 17.30
CA ILE A 271 15.36 12.95 18.45
C ILE A 271 15.42 13.97 19.57
N ILE A 272 15.85 13.62 20.78
CA ILE A 272 15.88 14.57 21.89
C ILE A 272 16.97 15.60 21.65
N SER A 273 16.69 16.89 21.85
CA SER A 273 17.65 17.99 21.70
C SER A 273 19.03 17.86 22.41
N ASP A 274 18.96 17.62 23.72
CA ASP A 274 20.05 17.51 24.67
C ASP A 274 21.45 17.44 24.18
N GLY A 275 22.11 18.60 24.00
CA GLY A 275 23.50 18.57 23.61
C GLY A 275 23.85 18.99 22.20
N ASN A 276 22.92 19.59 21.38
CA ASN A 276 23.19 20.04 19.98
C ASN A 276 24.42 20.89 19.85
N SER A 277 25.14 20.70 18.73
CA SER A 277 26.23 21.58 18.42
C SER A 277 25.69 22.78 17.59
N TYR A 278 24.35 22.81 17.46
CA TYR A 278 23.70 23.78 16.58
C TYR A 278 22.83 24.90 17.16
N GLY A 279 22.95 25.17 18.43
CA GLY A 279 22.28 26.32 19.01
C GLY A 279 20.85 26.08 19.40
N VAL A 280 20.41 24.83 19.35
CA VAL A 280 19.03 24.58 19.64
C VAL A 280 18.83 24.32 21.12
N PRO A 281 17.79 24.90 21.74
CA PRO A 281 17.71 24.66 23.16
C PRO A 281 17.58 23.18 23.52
N ASP A 282 17.98 22.85 24.73
CA ASP A 282 17.95 21.51 25.27
C ASP A 282 16.53 21.08 25.68
N ASP A 283 16.37 19.77 25.91
CA ASP A 283 15.12 19.27 26.35
C ASP A 283 13.97 19.53 25.35
N LEU A 284 14.25 19.32 24.09
CA LEU A 284 13.24 19.48 23.05
C LEU A 284 13.28 18.30 22.15
N LEU A 285 12.12 18.03 21.59
CA LEU A 285 11.99 17.02 20.57
C LEU A 285 11.98 17.68 19.23
N TYR A 286 13.22 17.79 18.65
CA TYR A 286 13.60 18.54 17.44
C TYR A 286 14.24 17.67 16.36
N SER A 287 13.80 17.88 15.11
CA SER A 287 14.36 17.20 13.95
C SER A 287 15.75 17.75 13.56
N PHE A 288 16.68 16.83 13.43
CA PHE A 288 18.05 17.11 13.12
C PHE A 288 18.46 16.15 12.05
N PRO A 289 19.67 16.32 11.58
CA PRO A 289 20.32 15.48 10.59
C PRO A 289 20.98 14.29 11.26
N VAL A 290 20.61 13.09 10.86
CA VAL A 290 21.11 11.89 11.51
C VAL A 290 21.87 10.88 10.70
N THR A 291 22.75 10.24 11.43
CA THR A 291 23.53 9.13 11.00
C THR A 291 23.16 8.02 11.95
N ILE A 292 23.05 6.81 11.42
CA ILE A 292 22.69 5.69 12.25
C ILE A 292 23.60 4.54 11.98
N LYS A 293 24.12 4.00 13.02
CA LYS A 293 25.01 2.89 13.01
C LYS A 293 24.61 2.08 14.23
N ASP A 294 24.38 0.83 14.01
CA ASP A 294 23.88 0.01 15.07
C ASP A 294 22.66 0.57 15.81
N LYS A 295 21.65 1.00 15.07
CA LYS A 295 20.42 1.48 15.68
C LYS A 295 20.61 2.64 16.62
N THR A 296 21.79 3.22 16.57
CA THR A 296 22.06 4.35 17.39
C THR A 296 22.30 5.55 16.49
N TRP A 297 21.54 6.62 16.65
CA TRP A 297 21.72 7.77 15.82
C TRP A 297 22.73 8.75 16.38
N LYS A 298 23.33 9.48 15.45
CA LYS A 298 24.34 10.48 15.72
C LYS A 298 24.02 11.73 14.95
N ILE A 299 24.09 12.88 15.59
CA ILE A 299 23.81 14.11 14.87
C ILE A 299 24.96 14.52 13.96
N VAL A 300 24.65 15.03 12.77
CA VAL A 300 25.70 15.47 11.90
C VAL A 300 26.20 16.84 12.33
N GLU A 301 27.47 16.89 12.65
CA GLU A 301 28.06 18.09 13.14
C GLU A 301 29.05 18.78 12.19
N GLY A 302 29.28 20.10 12.49
CA GLY A 302 30.15 20.98 11.73
C GLY A 302 29.53 21.54 10.45
N LEU A 303 28.21 21.34 10.27
CA LEU A 303 27.52 21.90 9.12
C LEU A 303 27.30 23.37 9.36
N PRO A 304 28.03 24.24 8.65
CA PRO A 304 27.87 25.68 8.71
C PRO A 304 26.45 26.09 8.45
N ILE A 305 25.98 26.96 9.34
CA ILE A 305 24.65 27.54 9.38
C ILE A 305 24.67 29.04 9.11
N ASN A 306 24.22 29.41 7.91
CA ASN A 306 24.09 30.80 7.53
C ASN A 306 23.08 31.49 8.41
N ASP A 307 22.89 32.77 8.14
CA ASP A 307 21.99 33.53 8.96
C ASP A 307 20.57 33.13 8.71
N PHE A 308 20.19 33.12 7.41
CA PHE A 308 18.88 32.69 6.89
C PHE A 308 18.45 31.39 7.53
N SER A 309 19.40 30.48 7.58
CA SER A 309 19.18 29.18 8.17
C SER A 309 19.03 29.24 9.68
N ARG A 310 19.82 30.09 10.37
CA ARG A 310 19.69 30.16 11.83
C ARG A 310 18.28 30.55 12.20
N GLU A 311 17.89 31.60 11.46
CA GLU A 311 16.61 32.28 11.54
C GLU A 311 15.45 31.30 11.58
N LYS A 312 15.53 30.42 10.60
CA LYS A 312 14.55 29.41 10.40
C LYS A 312 14.58 28.36 11.50
N MET A 313 15.79 28.01 11.90
CA MET A 313 15.96 27.04 12.97
C MET A 313 15.46 27.58 14.30
N ASP A 314 15.64 28.90 14.54
CA ASP A 314 15.20 29.53 15.79
C ASP A 314 13.71 29.70 15.83
N LEU A 315 13.14 30.01 14.69
CA LEU A 315 11.69 30.14 14.57
C LEU A 315 10.94 28.88 15.02
N THR A 316 11.49 27.74 14.62
CA THR A 316 10.94 26.45 14.89
C THR A 316 11.20 25.92 16.29
N ALA A 317 12.32 26.24 16.89
CA ALA A 317 12.55 25.77 18.24
C ALA A 317 11.69 26.56 19.25
N LYS A 318 11.06 27.60 18.76
CA LYS A 318 10.25 28.47 19.60
C LYS A 318 8.79 27.98 19.64
N GLU A 319 8.33 27.51 18.47
CA GLU A 319 7.07 26.89 18.34
C GLU A 319 7.16 25.59 19.11
N LEU A 320 8.27 24.85 18.99
CA LEU A 320 8.47 23.62 19.80
C LEU A 320 8.27 23.92 21.30
N ALA A 321 8.93 24.96 21.78
CA ALA A 321 8.88 25.40 23.16
C ALA A 321 7.48 25.82 23.58
N GLU A 322 6.92 26.61 22.68
CA GLU A 322 5.61 27.17 22.79
C GLU A 322 4.70 26.02 23.17
N GLU A 323 4.76 25.01 22.25
CA GLU A 323 4.01 23.78 22.23
C GLU A 323 4.18 22.90 23.46
N LYS A 324 5.41 22.84 23.97
CA LYS A 324 5.76 22.14 25.17
C LYS A 324 5.00 22.71 26.33
N GLU A 325 5.00 24.09 26.40
CA GLU A 325 4.27 24.87 27.42
C GLU A 325 2.82 24.48 27.45
N THR A 326 2.20 24.43 26.29
CA THR A 326 0.80 24.10 26.18
C THR A 326 0.47 22.71 26.68
N ALA A 327 1.32 21.74 26.32
CA ALA A 327 1.11 20.35 26.64
C ALA A 327 1.14 20.02 28.11
N PHE A 328 2.26 20.31 28.72
CA PHE A 328 2.51 20.15 30.12
C PHE A 328 1.66 21.04 31.03
N GLU A 329 0.80 21.87 30.47
CA GLU A 329 -0.07 22.68 31.28
C GLU A 329 -1.40 21.97 31.29
N PHE A 330 -1.64 21.35 30.15
CA PHE A 330 -2.85 20.60 29.91
C PHE A 330 -2.88 19.39 30.78
N LEU A 331 -1.76 18.71 30.84
CA LEU A 331 -1.53 17.50 31.61
C LEU A 331 -1.63 17.71 33.13
N SER A 332 -1.25 18.89 33.61
CA SER A 332 -1.30 19.15 35.02
C SER A 332 -2.39 20.12 35.33
N SER A 333 -3.39 20.05 34.51
CA SER A 333 -4.55 20.85 34.68
C SER A 333 -5.76 19.94 34.81
N ALA A 334 -6.94 20.52 34.94
CA ALA A 334 -8.18 19.77 35.04
C ALA A 334 -9.36 20.66 34.66
N SER B 2 14.34 -1.18 -18.25
CA SER B 2 15.10 0.09 -18.18
C SER B 2 14.65 1.03 -19.29
N GLU B 3 13.40 1.52 -19.17
CA GLU B 3 12.80 2.52 -20.07
C GLU B 3 11.28 2.65 -19.91
N PRO B 4 10.84 3.84 -19.52
CA PRO B 4 9.47 4.19 -19.19
C PRO B 4 8.34 3.37 -19.85
N ILE B 5 7.49 2.84 -18.97
CA ILE B 5 6.31 2.06 -19.32
C ILE B 5 5.09 2.78 -18.81
N ARG B 6 4.11 2.86 -19.68
CA ARG B 6 2.91 3.56 -19.38
C ARG B 6 1.84 2.63 -18.90
N VAL B 7 1.47 2.89 -17.63
CA VAL B 7 0.49 2.15 -16.84
C VAL B 7 -0.67 3.02 -16.40
N LEU B 8 -1.90 2.61 -16.76
CA LEU B 8 -3.10 3.30 -16.37
C LEU B 8 -3.90 2.50 -15.33
N VAL B 9 -4.29 3.15 -14.23
CA VAL B 9 -5.16 2.56 -13.24
C VAL B 9 -6.45 3.38 -13.19
N THR B 10 -7.53 2.82 -13.65
CA THR B 10 -8.78 3.51 -13.56
C THR B 10 -9.34 3.27 -12.17
N GLY B 11 -10.44 3.96 -11.82
CA GLY B 11 -11.05 3.91 -10.48
C GLY B 11 -10.10 4.45 -9.40
N ALA B 12 -8.98 5.03 -9.88
CA ALA B 12 -7.85 5.56 -9.12
C ALA B 12 -8.10 6.44 -7.86
N ALA B 13 -9.33 6.84 -7.62
CA ALA B 13 -9.60 7.49 -6.40
C ALA B 13 -10.27 6.54 -5.42
N GLY B 14 -10.62 5.35 -5.87
CA GLY B 14 -11.23 4.31 -5.02
C GLY B 14 -10.27 3.71 -3.99
N GLN B 15 -10.78 2.72 -3.28
CA GLN B 15 -10.06 1.98 -2.25
C GLN B 15 -9.01 0.99 -2.70
N ILE B 16 -9.32 0.08 -3.59
CA ILE B 16 -8.30 -0.79 -4.07
C ILE B 16 -7.12 0.02 -4.64
N ALA B 17 -7.38 1.05 -5.48
CA ALA B 17 -6.29 1.84 -6.08
C ALA B 17 -5.34 2.46 -5.10
N TYR B 18 -5.88 2.96 -4.01
CA TYR B 18 -5.09 3.56 -2.97
C TYR B 18 -4.07 2.58 -2.37
N SER B 19 -4.35 1.29 -2.41
CA SER B 19 -3.42 0.30 -1.84
C SER B 19 -2.47 -0.26 -2.87
N LEU B 20 -2.92 -0.14 -4.11
CA LEU B 20 -2.31 -0.69 -5.29
C LEU B 20 -1.21 0.16 -5.89
N LEU B 21 -1.49 1.46 -5.94
CA LEU B 21 -0.58 2.41 -6.52
C LEU B 21 0.83 2.32 -5.94
N TYR B 22 0.94 2.29 -4.62
CA TYR B 22 2.20 2.27 -3.91
C TYR B 22 3.14 1.20 -4.45
N SER B 23 2.59 0.00 -4.48
CA SER B 23 3.13 -1.26 -4.87
C SER B 23 3.50 -1.27 -6.33
N ILE B 24 2.75 -0.52 -7.13
CA ILE B 24 3.18 -0.44 -8.50
C ILE B 24 4.43 0.41 -8.57
N GLY B 25 4.37 1.45 -7.77
CA GLY B 25 5.41 2.46 -7.59
C GLY B 25 6.76 1.93 -7.14
N ASN B 26 6.79 1.05 -6.04
CA ASN B 26 7.97 0.35 -5.38
C ASN B 26 8.82 -0.45 -6.36
N GLY B 27 8.16 -0.90 -7.45
CA GLY B 27 8.75 -1.78 -8.44
C GLY B 27 8.52 -3.22 -8.02
N SER B 28 7.41 -3.42 -7.30
CA SER B 28 6.94 -4.74 -6.84
C SER B 28 6.25 -5.57 -7.92
N VAL B 29 5.96 -4.94 -9.05
CA VAL B 29 5.22 -5.55 -10.10
C VAL B 29 6.00 -5.80 -11.38
N PHE B 30 6.59 -4.74 -11.95
CA PHE B 30 7.25 -4.80 -13.24
C PHE B 30 8.77 -4.74 -13.23
N GLY B 31 9.40 -4.66 -12.08
CA GLY B 31 10.86 -4.63 -12.05
C GLY B 31 11.45 -3.51 -11.20
N LYS B 32 12.45 -3.83 -10.38
CA LYS B 32 13.12 -2.83 -9.56
C LYS B 32 13.98 -2.01 -10.52
N ASP B 33 13.98 -2.53 -11.76
CA ASP B 33 14.72 -2.10 -12.94
C ASP B 33 13.83 -1.38 -13.94
N GLN B 34 12.48 -1.33 -13.71
CA GLN B 34 11.43 -0.75 -14.58
C GLN B 34 10.77 0.53 -14.10
N PRO B 35 11.08 1.60 -14.81
CA PRO B 35 10.57 2.89 -14.50
C PRO B 35 9.21 2.99 -15.03
N ILE B 36 8.33 3.62 -14.31
CA ILE B 36 6.93 3.73 -14.71
C ILE B 36 6.51 5.18 -14.90
N ILE B 37 5.48 5.32 -15.73
CA ILE B 37 4.73 6.52 -15.91
C ILE B 37 3.38 6.04 -15.49
N LEU B 38 2.88 6.68 -14.45
CA LEU B 38 1.61 6.38 -13.84
C LEU B 38 0.49 7.33 -14.34
N VAL B 39 -0.57 6.72 -14.78
CA VAL B 39 -1.72 7.44 -15.25
C VAL B 39 -2.85 7.10 -14.35
N LEU B 40 -3.46 8.14 -13.92
CA LEU B 40 -4.49 8.06 -12.97
C LEU B 40 -5.75 8.60 -13.60
N LEU B 41 -6.81 7.78 -13.58
CA LEU B 41 -8.11 8.12 -14.09
C LEU B 41 -9.21 7.89 -13.06
N ASP B 42 -10.14 8.81 -13.04
CA ASP B 42 -11.33 8.67 -12.28
C ASP B 42 -12.35 9.65 -12.88
N ILE B 43 -13.43 9.81 -12.18
CA ILE B 43 -14.56 10.59 -12.54
C ILE B 43 -14.37 12.05 -12.10
N THR B 44 -14.94 13.02 -12.82
CA THR B 44 -14.72 14.44 -12.55
C THR B 44 -14.85 14.83 -11.12
N PRO B 45 -16.00 14.55 -10.59
CA PRO B 45 -16.28 14.89 -9.22
C PRO B 45 -15.27 14.30 -8.19
N MET B 46 -14.37 13.43 -8.68
CA MET B 46 -13.31 12.79 -7.88
C MET B 46 -11.92 13.37 -8.14
N MET B 47 -11.83 14.43 -8.95
CA MET B 47 -10.55 15.00 -9.36
C MET B 47 -9.77 15.78 -8.30
N GLY B 48 -10.46 16.18 -7.19
CA GLY B 48 -9.80 16.83 -6.05
C GLY B 48 -9.08 15.76 -5.25
N VAL B 49 -9.81 14.72 -4.91
CA VAL B 49 -9.24 13.55 -4.24
C VAL B 49 -8.12 12.96 -5.02
N LEU B 50 -8.25 12.98 -6.34
CA LEU B 50 -7.24 12.41 -7.22
C LEU B 50 -5.94 13.16 -7.14
N ASP B 51 -6.00 14.49 -7.05
CA ASP B 51 -4.78 15.26 -6.92
C ASP B 51 -4.15 15.01 -5.59
N GLY B 52 -4.99 14.90 -4.59
CA GLY B 52 -4.50 14.57 -3.25
C GLY B 52 -3.65 13.29 -3.31
N VAL B 53 -4.23 12.27 -3.95
CA VAL B 53 -3.64 10.98 -4.14
C VAL B 53 -2.46 11.12 -5.04
N LEU B 54 -2.45 12.15 -5.85
CA LEU B 54 -1.29 12.35 -6.70
C LEU B 54 -0.14 12.96 -5.90
N MET B 55 -0.49 13.90 -5.04
CA MET B 55 0.52 14.52 -4.24
C MET B 55 1.28 13.47 -3.45
N GLU B 56 0.50 12.54 -2.87
CA GLU B 56 0.95 11.44 -2.09
C GLU B 56 1.82 10.48 -2.84
N LEU B 57 1.71 10.35 -4.14
CA LEU B 57 2.60 9.37 -4.76
C LEU B 57 4.01 9.91 -4.90
N GLN B 58 4.06 11.27 -4.97
CA GLN B 58 5.31 12.03 -5.11
C GLN B 58 6.06 12.06 -3.81
N ASP B 59 5.27 12.23 -2.77
CA ASP B 59 5.71 12.33 -1.41
C ASP B 59 6.24 11.01 -0.91
N CYS B 60 6.05 9.94 -1.72
CA CYS B 60 6.62 8.64 -1.39
C CYS B 60 8.04 8.64 -1.92
N ALA B 61 8.31 9.58 -2.82
CA ALA B 61 9.61 9.70 -3.41
C ALA B 61 10.15 8.36 -3.93
N LEU B 62 9.46 7.83 -4.95
CA LEU B 62 9.82 6.59 -5.61
C LEU B 62 10.69 6.87 -6.84
N PRO B 63 11.85 6.25 -6.96
CA PRO B 63 12.74 6.47 -8.09
C PRO B 63 12.23 5.90 -9.41
N LEU B 64 11.42 4.85 -9.33
CA LEU B 64 10.95 4.21 -10.51
C LEU B 64 10.00 5.08 -11.27
N LEU B 65 9.27 5.88 -10.50
CA LEU B 65 8.21 6.70 -11.04
C LEU B 65 8.72 7.90 -11.78
N LYS B 66 9.08 7.80 -13.06
CA LYS B 66 9.53 8.98 -13.79
C LYS B 66 8.52 10.14 -13.76
N ASP B 67 7.23 9.80 -13.95
CA ASP B 67 6.13 10.77 -13.99
C ASP B 67 4.84 10.15 -13.37
N VAL B 68 3.84 11.01 -13.12
CA VAL B 68 2.53 10.63 -12.60
C VAL B 68 1.45 11.55 -13.17
N ILE B 69 0.30 11.03 -13.56
CA ILE B 69 -0.70 11.88 -14.14
C ILE B 69 -2.13 11.66 -13.65
N ALA B 70 -2.88 12.72 -13.50
CA ALA B 70 -4.26 12.49 -13.14
C ALA B 70 -5.12 13.03 -14.27
N THR B 71 -6.22 12.35 -14.51
CA THR B 71 -7.07 12.74 -15.59
C THR B 71 -8.51 12.29 -15.47
N ASP B 72 -9.34 13.02 -16.17
CA ASP B 72 -10.75 12.87 -16.27
C ASP B 72 -11.09 12.50 -17.72
N LYS B 73 -10.07 12.68 -18.60
CA LYS B 73 -10.21 12.52 -20.03
C LYS B 73 -9.49 11.33 -20.59
N GLU B 74 -10.25 10.49 -21.27
CA GLU B 74 -9.77 9.26 -21.89
C GLU B 74 -8.63 9.33 -22.89
N GLU B 75 -8.43 10.46 -23.60
CA GLU B 75 -7.28 10.51 -24.56
C GLU B 75 -5.97 10.42 -23.85
N ILE B 76 -5.85 11.26 -22.84
CA ILE B 76 -4.72 11.22 -21.97
C ILE B 76 -4.62 9.86 -21.27
N ALA B 77 -5.73 9.43 -20.69
CA ALA B 77 -5.79 8.16 -19.97
C ALA B 77 -5.32 6.94 -20.81
N PHE B 78 -5.86 6.83 -22.01
CA PHE B 78 -5.53 5.69 -22.84
C PHE B 78 -4.37 5.85 -23.79
N LYS B 79 -3.87 7.09 -23.97
CA LYS B 79 -2.76 7.38 -24.90
C LYS B 79 -1.47 6.61 -24.70
N ASP B 80 -1.16 5.75 -25.66
CA ASP B 80 0.10 5.04 -25.71
C ASP B 80 0.40 4.00 -24.63
N LEU B 81 -0.62 3.57 -23.88
CA LEU B 81 -0.43 2.61 -22.81
C LEU B 81 0.23 1.34 -23.24
N ASP B 82 0.83 0.69 -22.24
CA ASP B 82 1.36 -0.67 -22.33
C ASP B 82 0.50 -1.55 -21.50
N VAL B 83 0.07 -0.97 -20.36
CA VAL B 83 -0.71 -1.67 -19.41
C VAL B 83 -1.85 -0.90 -18.91
N ALA B 84 -3.01 -1.49 -18.93
CA ALA B 84 -4.18 -0.85 -18.40
C ALA B 84 -4.77 -1.74 -17.34
N ILE B 85 -5.08 -1.17 -16.16
CA ILE B 85 -5.72 -1.91 -15.07
C ILE B 85 -7.03 -1.30 -14.77
N LEU B 86 -8.12 -1.91 -15.19
CA LEU B 86 -9.40 -1.26 -15.06
C LEU B 86 -10.19 -1.61 -13.81
N VAL B 87 -9.94 -0.84 -12.78
CA VAL B 87 -10.63 -1.00 -11.52
C VAL B 87 -11.95 -0.23 -11.43
N GLY B 88 -12.06 0.87 -12.21
CA GLY B 88 -13.19 1.76 -12.22
C GLY B 88 -14.53 1.10 -12.48
N SER B 89 -15.52 1.48 -11.68
CA SER B 89 -16.86 0.93 -11.80
C SER B 89 -17.64 1.30 -10.59
N MET B 90 -18.97 1.30 -10.70
CA MET B 90 -19.86 1.69 -9.61
C MET B 90 -20.30 0.53 -8.79
N PRO B 91 -19.99 0.66 -7.49
CA PRO B 91 -20.04 -0.36 -6.48
C PRO B 91 -21.10 -1.38 -6.56
N ARG B 92 -20.52 -2.60 -6.60
CA ARG B 92 -21.14 -3.92 -6.70
C ARG B 92 -21.91 -4.33 -5.43
N ARG B 93 -23.19 -4.72 -5.65
CA ARG B 93 -24.03 -5.29 -4.62
C ARG B 93 -25.30 -5.86 -5.18
N ASP B 94 -26.26 -5.96 -4.26
CA ASP B 94 -27.67 -6.33 -4.41
C ASP B 94 -28.20 -7.03 -5.61
N GLY B 95 -29.36 -6.62 -6.03
CA GLY B 95 -30.06 -7.32 -7.07
C GLY B 95 -31.54 -7.16 -6.87
N MET B 96 -31.97 -7.27 -5.62
CA MET B 96 -33.37 -7.11 -5.28
C MET B 96 -33.37 -6.90 -3.80
N GLU B 97 -32.36 -7.48 -3.16
CA GLU B 97 -32.30 -7.20 -1.76
C GLU B 97 -31.96 -5.74 -1.64
N ARG B 98 -31.51 -5.21 -2.76
CA ARG B 98 -31.33 -3.83 -3.04
C ARG B 98 -31.05 -3.63 -4.51
N LYS B 99 -29.97 -2.93 -4.86
CA LYS B 99 -29.67 -2.65 -6.26
C LYS B 99 -29.96 -3.77 -7.26
N ASP B 100 -31.11 -3.61 -7.96
CA ASP B 100 -31.56 -4.56 -8.96
C ASP B 100 -30.52 -5.11 -9.86
N LEU B 101 -30.06 -4.42 -10.89
CA LEU B 101 -29.08 -5.19 -11.68
C LEU B 101 -27.92 -4.36 -12.22
N LEU B 102 -26.89 -4.20 -11.41
CA LEU B 102 -25.71 -3.44 -11.79
C LEU B 102 -25.09 -3.92 -13.08
N LYS B 103 -25.81 -3.85 -14.19
CA LYS B 103 -25.22 -4.33 -15.43
C LYS B 103 -24.80 -3.15 -16.25
N ALA B 104 -25.25 -1.96 -15.84
CA ALA B 104 -24.89 -0.78 -16.60
C ALA B 104 -23.42 -0.30 -16.48
N ASN B 105 -22.64 -1.01 -15.62
CA ASN B 105 -21.20 -0.90 -15.44
C ASN B 105 -20.56 -1.37 -16.74
N VAL B 106 -21.41 -1.81 -17.68
CA VAL B 106 -20.98 -2.30 -18.95
C VAL B 106 -21.00 -1.23 -20.03
N LYS B 107 -22.05 -0.45 -20.11
CA LYS B 107 -21.86 0.84 -20.75
C LYS B 107 -20.38 1.50 -20.49
N ILE B 108 -19.70 1.26 -19.31
CA ILE B 108 -18.30 1.81 -19.00
C ILE B 108 -17.19 1.06 -19.73
N PHE B 109 -17.22 -0.26 -19.81
CA PHE B 109 -16.11 -0.88 -20.48
C PHE B 109 -16.21 -0.82 -22.02
N LYS B 110 -17.38 -0.59 -22.57
CA LYS B 110 -17.44 -0.41 -24.00
C LYS B 110 -16.67 0.86 -24.32
N CYS B 111 -16.98 1.83 -23.50
CA CYS B 111 -16.37 3.11 -23.58
C CYS B 111 -14.89 3.11 -23.41
N GLN B 112 -14.38 2.15 -22.57
CA GLN B 112 -12.95 1.95 -22.25
C GLN B 112 -12.19 1.11 -23.31
N GLY B 113 -12.91 0.12 -23.88
CA GLY B 113 -12.36 -0.75 -24.91
C GLY B 113 -12.14 0.02 -26.19
N ALA B 114 -13.15 0.87 -26.44
CA ALA B 114 -13.20 1.82 -27.55
C ALA B 114 -12.07 2.84 -27.45
N ALA B 115 -11.81 3.32 -26.20
CA ALA B 115 -10.71 4.24 -25.95
C ALA B 115 -9.41 3.48 -26.03
N LEU B 116 -9.46 2.25 -25.55
CA LEU B 116 -8.29 1.43 -25.68
C LEU B 116 -8.08 1.23 -27.17
N ASP B 117 -9.19 0.93 -27.85
CA ASP B 117 -9.13 0.71 -29.26
C ASP B 117 -8.39 1.80 -30.01
N LYS B 118 -8.76 3.06 -29.68
CA LYS B 118 -8.28 4.28 -30.33
C LYS B 118 -6.88 4.70 -29.99
N TYR B 119 -6.65 5.01 -28.72
CA TYR B 119 -5.38 5.58 -28.37
C TYR B 119 -4.32 4.61 -27.94
N ALA B 120 -4.70 3.58 -27.19
CA ALA B 120 -3.72 2.65 -26.65
C ALA B 120 -2.83 1.94 -27.66
N LYS B 121 -1.62 1.58 -27.24
CA LYS B 121 -0.74 0.76 -28.06
C LYS B 121 -1.41 -0.55 -28.28
N LYS B 122 -1.50 -1.03 -29.50
CA LYS B 122 -2.09 -2.31 -29.87
C LYS B 122 -1.57 -3.55 -29.12
N SER B 123 -0.56 -3.37 -28.27
CA SER B 123 0.04 -4.42 -27.47
C SER B 123 -0.34 -4.28 -26.01
N VAL B 124 -1.17 -3.27 -25.76
CA VAL B 124 -1.63 -3.02 -24.42
C VAL B 124 -2.24 -4.26 -23.83
N LYS B 125 -1.81 -4.54 -22.58
CA LYS B 125 -2.33 -5.60 -21.72
C LYS B 125 -3.40 -4.97 -20.82
N VAL B 126 -4.59 -5.47 -20.94
CA VAL B 126 -5.69 -4.94 -20.18
C VAL B 126 -6.07 -5.95 -19.11
N ILE B 127 -6.11 -5.51 -17.84
CA ILE B 127 -6.50 -6.35 -16.69
C ILE B 127 -7.77 -5.79 -16.01
N VAL B 128 -8.93 -6.51 -16.08
CA VAL B 128 -10.21 -6.00 -15.56
C VAL B 128 -10.56 -6.38 -14.17
N VAL B 129 -10.53 -5.42 -13.26
CA VAL B 129 -10.88 -5.68 -11.88
C VAL B 129 -12.29 -5.31 -11.49
N GLY B 130 -12.88 -4.20 -12.01
CA GLY B 130 -14.22 -3.77 -11.62
C GLY B 130 -15.26 -4.80 -12.04
N ASN B 131 -16.16 -5.17 -11.10
CA ASN B 131 -17.23 -6.17 -11.25
C ASN B 131 -18.46 -5.63 -11.94
N PRO B 132 -19.17 -6.56 -12.62
CA PRO B 132 -18.73 -7.95 -12.69
C PRO B 132 -17.58 -8.10 -13.69
N ALA B 133 -16.38 -8.39 -13.12
CA ALA B 133 -15.11 -8.55 -13.83
C ALA B 133 -15.14 -9.27 -15.15
N ASN B 134 -15.68 -10.49 -15.16
CA ASN B 134 -15.71 -11.35 -16.34
C ASN B 134 -16.45 -10.72 -17.50
N THR B 135 -17.68 -10.31 -17.25
CA THR B 135 -18.50 -9.78 -18.28
C THR B 135 -18.13 -8.36 -18.76
N ASN B 136 -17.44 -7.53 -17.93
CA ASN B 136 -16.99 -6.17 -18.34
C ASN B 136 -15.77 -6.31 -19.20
N CYS B 137 -15.03 -7.34 -18.89
CA CYS B 137 -13.85 -7.65 -19.66
C CYS B 137 -14.20 -8.18 -21.04
N LEU B 138 -15.20 -9.07 -21.09
CA LEU B 138 -15.63 -9.56 -22.38
C LEU B 138 -16.09 -8.40 -23.21
N THR B 139 -16.98 -7.67 -22.57
CA THR B 139 -17.54 -6.49 -23.18
C THR B 139 -16.38 -5.61 -23.63
N ALA B 140 -15.38 -5.43 -22.76
CA ALA B 140 -14.31 -4.52 -23.16
C ALA B 140 -13.55 -5.00 -24.37
N SER B 141 -13.50 -6.34 -24.55
CA SER B 141 -12.84 -6.96 -25.71
C SER B 141 -13.53 -6.89 -27.07
N LYS B 142 -14.86 -6.73 -27.09
CA LYS B 142 -15.63 -6.60 -28.32
C LYS B 142 -15.54 -5.18 -28.86
N SER B 143 -15.30 -4.25 -27.94
CA SER B 143 -15.11 -2.87 -28.30
C SER B 143 -13.67 -2.54 -28.73
N ALA B 144 -12.76 -3.47 -28.47
CA ALA B 144 -11.36 -3.25 -28.79
C ALA B 144 -10.87 -4.19 -29.90
N PRO B 145 -11.65 -4.26 -31.00
CA PRO B 145 -11.32 -5.17 -32.05
C PRO B 145 -9.95 -4.88 -32.56
N SER B 146 -9.42 -3.74 -32.26
CA SER B 146 -8.13 -3.58 -32.82
C SER B 146 -7.06 -4.23 -31.97
N ILE B 147 -7.39 -4.45 -30.70
CA ILE B 147 -6.48 -5.10 -29.79
C ILE B 147 -6.82 -6.58 -29.71
N PRO B 148 -5.80 -7.43 -29.75
CA PRO B 148 -5.96 -8.88 -29.58
C PRO B 148 -6.80 -9.32 -28.38
N LYS B 149 -7.54 -10.38 -28.64
CA LYS B 149 -8.39 -11.11 -27.73
C LYS B 149 -7.54 -11.43 -26.52
N GLU B 150 -6.44 -11.97 -26.78
CA GLU B 150 -5.52 -12.63 -25.84
C GLU B 150 -4.98 -11.71 -24.76
N ASN B 151 -4.88 -10.42 -25.05
CA ASN B 151 -4.33 -9.53 -24.03
C ASN B 151 -5.49 -8.68 -23.44
N PHE B 152 -6.39 -9.46 -22.89
CA PHE B 152 -7.53 -9.06 -22.06
C PHE B 152 -7.77 -10.23 -21.14
N SER B 153 -7.81 -9.87 -19.92
CA SER B 153 -7.94 -10.84 -18.83
C SER B 153 -8.63 -10.20 -17.68
N CYS B 154 -9.23 -11.03 -16.83
CA CYS B 154 -9.88 -10.48 -15.68
C CYS B 154 -9.20 -10.91 -14.39
N LEU B 155 -9.67 -10.44 -13.27
CA LEU B 155 -9.02 -10.88 -12.05
C LEU B 155 -9.71 -12.08 -11.38
N THR B 156 -8.97 -13.17 -11.12
CA THR B 156 -9.51 -14.29 -10.32
C THR B 156 -8.53 -14.67 -9.23
N ARG B 157 -7.34 -14.14 -9.39
CA ARG B 157 -6.24 -14.35 -8.51
C ARG B 157 -6.57 -14.12 -7.09
N LEU B 158 -7.50 -13.23 -6.84
CA LEU B 158 -7.89 -12.92 -5.51
C LEU B 158 -8.52 -14.12 -4.89
N ASP B 159 -9.42 -14.72 -5.66
CA ASP B 159 -10.08 -15.97 -5.28
C ASP B 159 -9.14 -17.14 -5.21
N HIS B 160 -8.13 -17.13 -6.10
CA HIS B 160 -7.06 -18.08 -6.18
C HIS B 160 -6.17 -17.96 -4.97
N ASN B 161 -5.89 -16.77 -4.47
CA ASN B 161 -5.07 -16.62 -3.28
C ASN B 161 -5.78 -17.00 -2.00
N ARG B 162 -7.09 -16.77 -2.03
CA ARG B 162 -7.94 -17.02 -0.92
C ARG B 162 -8.01 -18.51 -0.63
N ALA B 163 -8.23 -19.27 -1.70
CA ALA B 163 -8.32 -20.74 -1.73
C ALA B 163 -7.13 -21.40 -1.04
N LYS B 164 -5.93 -20.92 -1.43
CA LYS B 164 -4.62 -21.28 -0.94
C LYS B 164 -4.44 -20.96 0.55
N ALA B 165 -5.02 -19.82 0.98
CA ALA B 165 -4.91 -19.43 2.36
C ALA B 165 -5.77 -20.33 3.19
N GLN B 166 -6.88 -20.77 2.61
CA GLN B 166 -7.79 -21.69 3.26
C GLN B 166 -7.14 -23.09 3.44
N ILE B 167 -6.47 -23.50 2.42
CA ILE B 167 -5.86 -24.77 2.47
C ILE B 167 -4.80 -24.80 3.54
N ALA B 168 -3.89 -23.85 3.49
CA ALA B 168 -2.84 -23.71 4.46
C ALA B 168 -3.38 -23.77 5.87
N LEU B 169 -4.44 -22.99 6.14
CA LEU B 169 -5.04 -22.95 7.46
C LEU B 169 -5.34 -24.32 8.00
N LYS B 170 -6.10 -25.04 7.16
CA LYS B 170 -6.52 -26.40 7.40
C LYS B 170 -5.38 -27.34 7.81
N LEU B 171 -4.37 -27.45 6.97
CA LEU B 171 -3.27 -28.39 7.12
C LEU B 171 -2.14 -27.88 7.97
N GLY B 172 -2.23 -26.60 8.31
CA GLY B 172 -1.24 -25.97 9.15
C GLY B 172 0.12 -25.78 8.49
N VAL B 173 0.10 -25.47 7.21
CA VAL B 173 1.29 -25.15 6.45
C VAL B 173 1.21 -23.73 5.96
N THR B 174 2.05 -23.42 5.02
CA THR B 174 1.96 -22.10 4.53
C THR B 174 1.34 -21.92 3.18
N SER B 175 0.72 -20.76 2.94
CA SER B 175 0.06 -20.65 1.68
C SER B 175 1.04 -20.78 0.54
N ASP B 176 2.31 -20.60 0.84
CA ASP B 176 3.38 -20.78 -0.13
C ASP B 176 3.70 -22.25 -0.29
N ASP B 177 3.06 -23.09 0.46
CA ASP B 177 3.34 -24.48 0.35
C ASP B 177 2.38 -25.12 -0.64
N VAL B 178 1.38 -24.35 -1.11
CA VAL B 178 0.28 -24.83 -1.89
C VAL B 178 0.31 -24.42 -3.35
N LYS B 179 0.56 -25.38 -4.26
CA LYS B 179 0.62 -25.18 -5.73
C LYS B 179 -0.68 -25.60 -6.41
N ASN B 180 -0.76 -25.19 -7.66
CA ASN B 180 -1.79 -25.54 -8.60
C ASN B 180 -3.26 -25.51 -8.15
N VAL B 181 -3.63 -24.54 -7.35
CA VAL B 181 -5.04 -24.36 -7.10
C VAL B 181 -5.64 -23.82 -8.41
N ILE B 182 -6.88 -24.12 -8.68
CA ILE B 182 -7.55 -23.65 -9.87
C ILE B 182 -8.88 -22.97 -9.60
N ILE B 183 -8.99 -21.73 -10.07
CA ILE B 183 -10.26 -21.11 -10.02
C ILE B 183 -10.82 -21.13 -11.44
N TRP B 184 -12.01 -21.76 -11.54
CA TRP B 184 -12.72 -21.90 -12.82
C TRP B 184 -13.96 -21.01 -12.91
N GLY B 185 -14.19 -20.46 -14.11
CA GLY B 185 -15.40 -19.71 -14.43
C GLY B 185 -15.45 -18.24 -14.11
N ASN B 186 -16.61 -17.84 -13.63
CA ASN B 186 -16.94 -16.45 -13.29
C ASN B 186 -16.34 -16.01 -11.95
N HIS B 187 -15.96 -14.74 -11.82
CA HIS B 187 -15.57 -14.31 -10.49
C HIS B 187 -16.85 -14.15 -9.76
N SER B 188 -17.42 -15.19 -9.32
CA SER B 188 -18.66 -14.93 -8.69
C SER B 188 -19.00 -16.00 -7.69
N SER B 189 -20.30 -16.06 -7.46
CA SER B 189 -20.96 -16.99 -6.62
C SER B 189 -20.92 -18.34 -7.30
N THR B 190 -20.45 -18.34 -8.56
CA THR B 190 -20.32 -19.61 -9.20
C THR B 190 -18.88 -20.12 -9.42
N GLN B 191 -17.91 -19.38 -8.94
CA GLN B 191 -16.51 -19.80 -9.09
C GLN B 191 -16.27 -21.23 -8.61
N TYR B 192 -15.43 -21.98 -9.32
CA TYR B 192 -15.13 -23.32 -8.83
C TYR B 192 -13.67 -23.43 -8.36
N PRO B 193 -13.47 -23.32 -7.02
CA PRO B 193 -12.17 -23.51 -6.47
C PRO B 193 -11.82 -24.97 -6.57
N ASP B 194 -10.92 -25.28 -7.52
CA ASP B 194 -10.55 -26.64 -7.75
C ASP B 194 -9.20 -27.07 -7.17
N VAL B 195 -9.24 -28.02 -6.24
CA VAL B 195 -8.01 -28.56 -5.72
C VAL B 195 -7.80 -30.01 -6.15
N ASN B 196 -8.47 -30.48 -7.23
CA ASN B 196 -8.22 -31.82 -7.67
C ASN B 196 -6.83 -31.97 -8.24
N HIS B 197 -6.21 -30.82 -8.51
CA HIS B 197 -4.89 -30.74 -9.13
C HIS B 197 -3.87 -30.01 -8.28
N ALA B 198 -4.14 -29.80 -7.00
CA ALA B 198 -3.22 -29.05 -6.15
C ALA B 198 -2.23 -29.94 -5.42
N LYS B 199 -1.15 -29.32 -4.93
CA LYS B 199 -0.09 -30.02 -4.20
C LYS B 199 0.15 -29.23 -2.96
N VAL B 200 0.84 -29.84 -1.98
CA VAL B 200 1.16 -29.24 -0.68
C VAL B 200 2.44 -29.88 -0.18
N LYS B 201 3.39 -29.06 0.20
CA LYS B 201 4.60 -29.55 0.77
C LYS B 201 4.13 -30.15 2.06
N LEU B 202 4.39 -31.43 2.28
CA LEU B 202 4.21 -32.00 3.59
C LEU B 202 5.51 -32.71 3.81
N GLN B 203 6.09 -32.65 5.00
CA GLN B 203 7.43 -33.22 5.19
C GLN B 203 8.36 -32.68 4.12
N ALA B 204 9.04 -33.62 3.52
CA ALA B 204 9.94 -33.34 2.44
C ALA B 204 9.30 -33.97 1.22
N LYS B 205 7.95 -33.97 1.29
CA LYS B 205 7.05 -34.49 0.25
C LYS B 205 5.99 -33.47 -0.17
N GLU B 206 5.63 -33.59 -1.41
CA GLU B 206 4.57 -32.79 -1.95
C GLU B 206 3.48 -33.81 -2.16
N VAL B 207 2.55 -33.82 -1.26
CA VAL B 207 1.56 -34.83 -1.30
C VAL B 207 0.40 -34.65 -2.27
N GLY B 208 -0.43 -33.65 -2.10
CA GLY B 208 -1.63 -33.60 -2.91
C GLY B 208 -2.80 -33.28 -2.00
N VAL B 209 -3.48 -32.20 -2.35
CA VAL B 209 -4.52 -31.61 -1.56
C VAL B 209 -5.59 -32.52 -0.98
N TYR B 210 -6.11 -33.41 -1.79
CA TYR B 210 -7.11 -34.35 -1.35
C TYR B 210 -6.50 -35.39 -0.40
N GLU B 211 -5.30 -35.90 -0.78
CA GLU B 211 -4.54 -36.92 -0.04
C GLU B 211 -4.36 -36.42 1.35
N ALA B 212 -3.83 -35.20 1.38
CA ALA B 212 -3.47 -34.38 2.55
C ALA B 212 -4.62 -34.01 3.51
N VAL B 213 -5.68 -33.47 2.96
CA VAL B 213 -6.81 -33.06 3.76
C VAL B 213 -7.55 -34.25 4.38
N LYS B 214 -7.57 -35.37 3.69
CA LYS B 214 -8.32 -36.55 4.13
C LYS B 214 -9.78 -36.29 4.45
N ASP B 215 -10.33 -35.17 4.01
CA ASP B 215 -11.72 -34.88 4.27
C ASP B 215 -12.43 -34.19 3.07
N ASP B 216 -12.85 -35.05 2.10
CA ASP B 216 -13.48 -34.84 0.78
C ASP B 216 -14.75 -34.01 0.74
N SER B 217 -15.65 -34.28 1.70
CA SER B 217 -16.90 -33.55 1.81
C SER B 217 -16.66 -32.06 2.06
N TRP B 218 -15.67 -31.82 2.89
CA TRP B 218 -15.21 -30.49 3.23
C TRP B 218 -14.71 -29.65 2.03
N LEU B 219 -13.85 -30.24 1.21
CA LEU B 219 -13.25 -29.65 0.02
C LEU B 219 -14.29 -29.41 -1.05
N LYS B 220 -15.42 -30.14 -0.92
CA LYS B 220 -16.56 -30.08 -1.85
C LYS B 220 -17.78 -29.30 -1.31
N GLY B 221 -17.62 -28.72 -0.16
CA GLY B 221 -18.71 -27.91 0.30
C GLY B 221 -18.18 -26.61 0.84
N GLU B 222 -18.35 -26.49 2.14
CA GLU B 222 -17.96 -25.35 2.91
C GLU B 222 -16.59 -24.82 2.51
N PHE B 223 -15.71 -25.68 1.95
CA PHE B 223 -14.45 -25.14 1.56
C PHE B 223 -14.75 -24.13 0.48
N ILE B 224 -15.52 -24.61 -0.51
CA ILE B 224 -16.00 -23.84 -1.66
C ILE B 224 -16.77 -22.59 -1.20
N THR B 225 -17.51 -22.73 -0.12
CA THR B 225 -18.32 -21.65 0.44
C THR B 225 -17.49 -20.57 1.11
N THR B 226 -16.51 -21.04 1.81
CA THR B 226 -15.57 -20.22 2.51
C THR B 226 -14.99 -19.18 1.56
N VAL B 227 -14.47 -19.67 0.46
CA VAL B 227 -13.84 -18.91 -0.58
C VAL B 227 -14.87 -18.03 -1.24
N GLN B 228 -16.07 -18.56 -1.51
CA GLN B 228 -16.99 -17.59 -2.02
C GLN B 228 -17.38 -16.50 -1.01
N GLN B 229 -17.70 -16.86 0.23
CA GLN B 229 -18.07 -15.84 1.22
C GLN B 229 -17.01 -14.77 1.52
N ARG B 230 -15.75 -15.15 1.61
CA ARG B 230 -14.62 -14.30 1.88
C ARG B 230 -14.71 -12.78 1.61
N GLY B 231 -15.10 -12.32 0.44
CA GLY B 231 -15.16 -10.88 0.19
C GLY B 231 -16.14 -10.14 1.12
N ALA B 232 -17.30 -10.76 1.30
CA ALA B 232 -18.34 -10.31 2.18
C ALA B 232 -17.93 -10.37 3.63
N ALA B 233 -17.20 -11.45 3.99
CA ALA B 233 -16.76 -11.64 5.38
C ALA B 233 -15.83 -10.53 5.74
N VAL B 234 -14.88 -10.31 4.87
CA VAL B 234 -13.96 -9.25 5.12
C VAL B 234 -14.65 -7.88 5.24
N ILE B 235 -15.73 -7.66 4.50
CA ILE B 235 -16.41 -6.39 4.50
C ILE B 235 -17.30 -6.32 5.70
N LYS B 236 -17.63 -7.49 6.14
CA LYS B 236 -18.43 -7.72 7.30
C LYS B 236 -17.70 -7.13 8.51
N ALA B 237 -16.42 -7.44 8.63
CA ALA B 237 -15.59 -7.06 9.75
C ALA B 237 -15.01 -5.66 9.62
N ARG B 238 -14.25 -5.46 8.55
CA ARG B 238 -13.59 -4.20 8.26
C ARG B 238 -14.57 -3.12 7.99
N LYS B 239 -15.67 -3.45 7.35
CA LYS B 239 -16.70 -2.50 6.96
C LYS B 239 -16.23 -1.72 5.76
N LEU B 240 -15.05 -2.07 5.26
CA LEU B 240 -14.51 -1.48 4.04
C LEU B 240 -13.99 -2.52 3.09
N SER B 241 -13.83 -2.06 1.86
CA SER B 241 -13.28 -2.78 0.75
C SER B 241 -12.11 -3.71 1.19
N SER B 242 -11.98 -4.85 0.51
CA SER B 242 -10.92 -5.79 0.82
C SER B 242 -9.61 -5.37 0.17
N ALA B 243 -9.24 -4.10 0.31
CA ALA B 243 -8.16 -3.44 -0.40
C ALA B 243 -6.71 -3.97 -0.29
N MET B 244 -6.25 -4.22 0.91
CA MET B 244 -4.88 -4.68 0.99
C MET B 244 -4.70 -6.02 0.25
N SER B 245 -5.66 -6.96 0.50
CA SER B 245 -5.58 -8.28 -0.14
C SER B 245 -5.91 -8.25 -1.65
N ALA B 246 -6.90 -7.46 -2.07
CA ALA B 246 -7.12 -7.40 -3.49
C ALA B 246 -5.97 -6.71 -4.22
N ALA B 247 -5.43 -5.66 -3.67
CA ALA B 247 -4.29 -5.04 -4.34
C ALA B 247 -3.08 -6.02 -4.53
N LYS B 248 -2.88 -6.90 -3.55
CA LYS B 248 -1.84 -7.91 -3.56
C LYS B 248 -2.02 -8.92 -4.71
N ALA B 249 -3.28 -9.31 -4.92
CA ALA B 249 -3.75 -10.24 -5.92
C ALA B 249 -3.63 -9.65 -7.31
N ILE B 250 -3.88 -8.36 -7.40
CA ILE B 250 -3.72 -7.67 -8.65
C ILE B 250 -2.23 -7.66 -8.98
N CYS B 251 -1.40 -7.30 -8.02
CA CYS B 251 0.04 -7.27 -8.21
C CYS B 251 0.58 -8.53 -8.81
N ASP B 252 0.05 -9.67 -8.32
CA ASP B 252 0.37 -11.04 -8.69
C ASP B 252 -0.12 -11.36 -10.09
N HIS B 253 -1.30 -10.86 -10.37
CA HIS B 253 -1.90 -11.10 -11.64
C HIS B 253 -0.99 -10.52 -12.71
N VAL B 254 -0.58 -9.26 -12.58
CA VAL B 254 0.30 -8.58 -13.54
C VAL B 254 1.74 -9.05 -13.48
N ARG B 255 2.30 -9.09 -12.28
CA ARG B 255 3.63 -9.60 -12.11
C ARG B 255 3.78 -10.96 -12.75
N ASP B 256 2.78 -11.82 -12.67
CA ASP B 256 2.92 -13.09 -13.34
C ASP B 256 2.87 -13.02 -14.89
N ILE B 257 2.15 -12.03 -15.43
CA ILE B 257 2.12 -11.82 -16.90
C ILE B 257 3.47 -11.20 -17.37
N TRP B 258 4.01 -10.29 -16.53
CA TRP B 258 5.29 -9.61 -16.76
C TRP B 258 6.50 -10.50 -16.69
N PHE B 259 6.55 -11.42 -15.75
CA PHE B 259 7.71 -12.29 -15.64
C PHE B 259 7.49 -13.74 -15.99
N GLY B 260 6.23 -14.18 -16.04
CA GLY B 260 5.91 -15.58 -16.37
C GLY B 260 5.59 -16.35 -15.10
N THR B 261 5.09 -17.58 -15.24
CA THR B 261 4.80 -18.41 -14.10
C THR B 261 6.00 -19.24 -13.72
N PRO B 262 6.07 -19.68 -12.49
CA PRO B 262 7.19 -20.47 -12.03
C PRO B 262 7.17 -21.87 -12.63
N GLU B 263 8.30 -22.53 -12.65
CA GLU B 263 8.30 -23.82 -13.25
C GLU B 263 7.44 -24.86 -12.50
N GLY B 264 6.62 -25.60 -13.27
CA GLY B 264 5.75 -26.65 -12.75
C GLY B 264 4.46 -26.11 -12.13
N GLU B 265 4.17 -24.90 -12.47
CA GLU B 265 3.05 -24.38 -11.77
C GLU B 265 2.14 -23.54 -12.62
N PHE B 266 0.91 -23.43 -12.24
CA PHE B 266 0.04 -22.64 -13.06
C PHE B 266 -0.90 -21.79 -12.23
N VAL B 267 -1.41 -20.68 -12.81
CA VAL B 267 -2.31 -19.71 -12.13
C VAL B 267 -3.62 -19.51 -12.85
N SER B 268 -4.55 -18.95 -12.12
CA SER B 268 -5.85 -18.75 -12.60
C SER B 268 -5.94 -17.38 -13.12
N MET B 269 -6.55 -17.27 -14.28
CA MET B 269 -6.80 -16.00 -14.92
C MET B 269 -8.00 -16.13 -15.79
N GLY B 270 -8.91 -15.16 -15.71
CA GLY B 270 -10.07 -15.22 -16.58
C GLY B 270 -9.61 -14.77 -17.96
N ILE B 271 -9.79 -15.58 -19.01
CA ILE B 271 -9.42 -15.18 -20.37
C ILE B 271 -10.48 -15.61 -21.31
N ILE B 272 -10.20 -15.53 -22.60
CA ILE B 272 -11.14 -15.87 -23.64
C ILE B 272 -11.09 -17.37 -23.97
N SER B 273 -12.25 -17.98 -23.89
CA SER B 273 -12.42 -19.42 -24.04
C SER B 273 -12.18 -20.01 -25.44
N ASP B 274 -12.28 -19.17 -26.49
CA ASP B 274 -12.20 -19.57 -27.90
C ASP B 274 -11.21 -20.67 -28.19
N GLY B 275 -11.64 -21.90 -28.33
CA GLY B 275 -10.65 -22.91 -28.63
C GLY B 275 -10.23 -23.73 -27.39
N ASN B 276 -11.08 -23.66 -26.40
CA ASN B 276 -10.88 -24.33 -25.16
C ASN B 276 -11.02 -25.86 -25.32
N SER B 277 -10.26 -26.59 -24.54
CA SER B 277 -10.26 -28.02 -24.64
C SER B 277 -11.12 -28.67 -23.61
N TYR B 278 -11.84 -27.85 -22.81
CA TYR B 278 -12.65 -28.31 -21.69
C TYR B 278 -14.14 -28.51 -21.89
N GLY B 279 -14.71 -27.95 -22.95
CA GLY B 279 -16.11 -28.13 -23.18
C GLY B 279 -16.84 -26.91 -22.69
N VAL B 280 -16.08 -25.81 -22.62
CA VAL B 280 -16.62 -24.53 -22.24
C VAL B 280 -16.85 -23.72 -23.51
N PRO B 281 -18.07 -23.20 -23.63
CA PRO B 281 -18.45 -22.44 -24.79
C PRO B 281 -17.42 -21.36 -25.15
N ASP B 282 -17.19 -21.15 -26.47
CA ASP B 282 -16.23 -20.16 -26.99
C ASP B 282 -16.81 -18.77 -26.89
N ASP B 283 -15.96 -17.75 -26.94
CA ASP B 283 -16.53 -16.39 -26.88
C ASP B 283 -17.20 -16.11 -25.54
N LEU B 284 -16.61 -16.72 -24.51
CA LEU B 284 -16.94 -16.49 -23.11
C LEU B 284 -15.62 -15.96 -22.53
N LEU B 285 -15.73 -15.19 -21.42
CA LEU B 285 -14.61 -14.75 -20.58
C LEU B 285 -14.66 -15.53 -19.29
N TYR B 286 -14.03 -16.66 -19.40
CA TYR B 286 -14.04 -17.67 -18.42
C TYR B 286 -12.66 -17.79 -17.75
N SER B 287 -12.59 -18.25 -16.49
CA SER B 287 -11.32 -18.36 -15.80
C SER B 287 -10.64 -19.77 -15.95
N PHE B 288 -9.35 -19.87 -16.28
CA PHE B 288 -8.79 -21.18 -16.50
C PHE B 288 -7.41 -21.30 -15.85
N PRO B 289 -6.84 -22.52 -15.90
CA PRO B 289 -5.51 -22.75 -15.45
C PRO B 289 -4.68 -22.33 -16.59
N VAL B 290 -3.66 -21.55 -16.35
CA VAL B 290 -2.92 -21.00 -17.44
C VAL B 290 -1.50 -20.99 -17.02
N THR B 291 -0.60 -20.96 -18.02
CA THR B 291 0.84 -20.85 -17.89
C THR B 291 1.23 -19.64 -18.72
N ILE B 292 2.33 -18.98 -18.40
CA ILE B 292 2.70 -17.74 -19.09
C ILE B 292 4.19 -17.65 -19.33
N LYS B 293 4.57 -17.29 -20.56
CA LYS B 293 5.98 -17.18 -20.90
C LYS B 293 6.46 -15.75 -21.13
N ASP B 294 6.22 -15.21 -22.30
CA ASP B 294 6.60 -13.86 -22.59
C ASP B 294 5.37 -13.01 -22.66
N LYS B 295 4.69 -12.86 -21.53
CA LYS B 295 3.43 -12.11 -21.51
C LYS B 295 2.36 -12.88 -22.27
N THR B 296 2.59 -14.16 -22.48
CA THR B 296 1.65 -14.99 -23.19
C THR B 296 1.20 -16.18 -22.36
N TRP B 297 -0.09 -16.26 -22.20
CA TRP B 297 -0.72 -17.31 -21.47
C TRP B 297 -1.11 -18.45 -22.39
N LYS B 298 -1.07 -19.65 -21.84
CA LYS B 298 -1.48 -20.81 -22.53
C LYS B 298 -2.31 -21.66 -21.58
N ILE B 299 -3.57 -21.98 -21.96
CA ILE B 299 -4.38 -22.80 -21.07
C ILE B 299 -3.72 -24.11 -20.81
N VAL B 300 -3.63 -24.56 -19.57
CA VAL B 300 -3.05 -25.87 -19.30
C VAL B 300 -3.93 -26.94 -19.91
N GLU B 301 -3.40 -27.88 -20.65
CA GLU B 301 -4.36 -28.78 -21.19
C GLU B 301 -4.20 -30.24 -20.91
N GLY B 302 -5.35 -30.94 -20.96
CA GLY B 302 -5.43 -32.40 -20.80
C GLY B 302 -5.55 -32.85 -19.38
N LEU B 303 -5.93 -31.92 -18.48
CA LEU B 303 -6.11 -32.18 -17.04
C LEU B 303 -7.33 -33.05 -16.87
N PRO B 304 -7.22 -34.16 -16.12
CA PRO B 304 -8.40 -34.97 -15.89
C PRO B 304 -9.45 -34.19 -15.17
N ILE B 305 -10.63 -34.19 -15.78
CA ILE B 305 -11.81 -33.51 -15.27
C ILE B 305 -12.92 -34.45 -14.83
N ASN B 306 -13.12 -34.63 -13.51
CA ASN B 306 -14.20 -35.52 -13.05
C ASN B 306 -15.62 -34.96 -13.13
N ASP B 307 -16.54 -35.73 -12.57
CA ASP B 307 -17.97 -35.45 -12.50
C ASP B 307 -18.32 -34.13 -11.75
N PHE B 308 -17.82 -34.04 -10.47
CA PHE B 308 -18.07 -32.93 -9.64
C PHE B 308 -17.63 -31.66 -10.34
N SER B 309 -16.38 -31.75 -10.81
CA SER B 309 -15.72 -30.64 -11.47
C SER B 309 -16.48 -30.20 -12.71
N ARG B 310 -16.78 -31.17 -13.63
CA ARG B 310 -17.52 -30.87 -14.88
C ARG B 310 -18.83 -30.15 -14.70
N GLU B 311 -19.59 -30.58 -13.72
CA GLU B 311 -20.84 -29.97 -13.33
C GLU B 311 -20.62 -28.53 -12.88
N LYS B 312 -19.67 -28.40 -11.98
CA LYS B 312 -19.40 -27.12 -11.44
C LYS B 312 -18.97 -26.19 -12.52
N MET B 313 -18.34 -26.75 -13.53
CA MET B 313 -17.84 -25.96 -14.59
C MET B 313 -18.89 -25.69 -15.58
N ASP B 314 -19.93 -26.52 -15.55
CA ASP B 314 -21.07 -26.31 -16.45
C ASP B 314 -21.97 -25.16 -15.99
N LEU B 315 -22.21 -25.16 -14.67
CA LEU B 315 -23.00 -24.17 -13.92
C LEU B 315 -22.46 -22.75 -14.08
N THR B 316 -21.12 -22.60 -14.04
CA THR B 316 -20.49 -21.28 -14.10
C THR B 316 -20.47 -20.72 -15.51
N ALA B 317 -20.42 -21.65 -16.49
CA ALA B 317 -20.51 -21.34 -17.90
C ALA B 317 -21.90 -20.78 -18.26
N LYS B 318 -22.95 -21.49 -17.84
CA LYS B 318 -24.32 -21.11 -18.08
C LYS B 318 -24.64 -19.69 -17.59
N GLU B 319 -24.03 -19.30 -16.46
CA GLU B 319 -24.18 -18.01 -15.84
C GLU B 319 -23.41 -16.93 -16.54
N LEU B 320 -22.19 -17.24 -16.89
CA LEU B 320 -21.47 -16.34 -17.69
C LEU B 320 -22.29 -16.13 -18.98
N ALA B 321 -22.67 -17.25 -19.65
CA ALA B 321 -23.47 -17.21 -20.87
C ALA B 321 -24.67 -16.26 -20.77
N GLU B 322 -25.44 -16.35 -19.69
CA GLU B 322 -26.61 -15.50 -19.47
C GLU B 322 -26.25 -14.05 -19.27
N GLU B 323 -25.09 -13.75 -18.65
CA GLU B 323 -24.64 -12.36 -18.43
C GLU B 323 -24.20 -11.73 -19.71
N LYS B 324 -23.77 -12.56 -20.64
CA LYS B 324 -23.39 -12.11 -21.94
C LYS B 324 -24.63 -11.73 -22.75
N GLU B 325 -25.64 -12.58 -22.71
CA GLU B 325 -26.86 -12.29 -23.41
C GLU B 325 -27.38 -11.01 -22.86
N THR B 326 -27.28 -10.90 -21.53
CA THR B 326 -27.73 -9.72 -20.77
C THR B 326 -26.95 -8.44 -21.00
N ALA B 327 -25.65 -8.52 -21.21
CA ALA B 327 -24.93 -7.27 -21.44
C ALA B 327 -25.16 -6.73 -22.84
N PHE B 328 -25.38 -7.63 -23.77
CA PHE B 328 -25.55 -7.31 -25.18
C PHE B 328 -26.75 -6.44 -25.69
N GLU B 329 -27.80 -6.25 -24.86
CA GLU B 329 -28.87 -5.30 -25.19
C GLU B 329 -28.60 -4.03 -24.41
N PHE B 330 -27.80 -4.22 -23.35
CA PHE B 330 -27.31 -3.05 -22.67
C PHE B 330 -26.50 -2.30 -23.75
N LEU B 331 -25.40 -2.94 -24.12
CA LEU B 331 -24.43 -2.45 -25.09
C LEU B 331 -25.06 -1.96 -26.40
N SER B 332 -24.41 -0.95 -27.05
CA SER B 332 -24.92 -0.24 -28.27
C SER B 332 -24.84 -0.90 -29.67
N SER B 333 -24.65 -2.23 -29.74
CA SER B 333 -24.58 -2.94 -31.03
C SER B 333 -24.86 -4.47 -30.89
N ALA B 334 -25.50 -4.96 -31.99
CA ALA B 334 -25.84 -6.37 -32.12
C ALA B 334 -25.35 -6.99 -33.45
#